data_298D
# 
_entry.id   298D 
# 
_audit_conform.dict_name       mmcif_pdbx.dic 
_audit_conform.dict_version    5.389 
_audit_conform.dict_location   http://mmcif.pdb.org/dictionaries/ascii/mmcif_pdbx.dic 
# 
loop_
_database_2.database_id 
_database_2.database_code 
_database_2.pdbx_database_accession 
_database_2.pdbx_DOI 
PDB   298D         pdb_0000298d 10.2210/pdb298d/pdb 
RCSB  GDL044       ?            ?                   
WWPDB D_1000177711 ?            ?                   
# 
loop_
_pdbx_audit_revision_history.ordinal 
_pdbx_audit_revision_history.data_content_type 
_pdbx_audit_revision_history.major_revision 
_pdbx_audit_revision_history.minor_revision 
_pdbx_audit_revision_history.revision_date 
1 'Structure model' 1 0 1996-12-17 
2 'Structure model' 1 1 2008-05-22 
3 'Structure model' 1 2 2011-07-13 
4 'Structure model' 1 3 2024-02-14 
5 'Structure model' 1 4 2024-04-03 
# 
_pdbx_audit_revision_details.ordinal             1 
_pdbx_audit_revision_details.revision_ordinal    1 
_pdbx_audit_revision_details.data_content_type   'Structure model' 
_pdbx_audit_revision_details.provider            repository 
_pdbx_audit_revision_details.type                'Initial release' 
_pdbx_audit_revision_details.description         ? 
_pdbx_audit_revision_details.details             ? 
# 
loop_
_pdbx_audit_revision_group.ordinal 
_pdbx_audit_revision_group.revision_ordinal 
_pdbx_audit_revision_group.data_content_type 
_pdbx_audit_revision_group.group 
1 2 'Structure model' 'Version format compliance' 
2 3 'Structure model' 'Version format compliance' 
3 4 'Structure model' 'Data collection'           
4 4 'Structure model' 'Database references'       
5 4 'Structure model' 'Derived calculations'      
6 5 'Structure model' 'Refinement description'    
# 
loop_
_pdbx_audit_revision_category.ordinal 
_pdbx_audit_revision_category.revision_ordinal 
_pdbx_audit_revision_category.data_content_type 
_pdbx_audit_revision_category.category 
1 4 'Structure model' chem_comp_atom                
2 4 'Structure model' chem_comp_bond                
3 4 'Structure model' database_2                    
4 4 'Structure model' struct_site                   
5 5 'Structure model' pdbx_initial_refinement_model 
# 
loop_
_pdbx_audit_revision_item.ordinal 
_pdbx_audit_revision_item.revision_ordinal 
_pdbx_audit_revision_item.data_content_type 
_pdbx_audit_revision_item.item 
1 4 'Structure model' '_database_2.pdbx_DOI'                
2 4 'Structure model' '_database_2.pdbx_database_accession' 
3 4 'Structure model' '_struct_site.pdbx_auth_asym_id'      
4 4 'Structure model' '_struct_site.pdbx_auth_comp_id'      
5 4 'Structure model' '_struct_site.pdbx_auth_seq_id'       
# 
_pdbx_database_status.status_code                     REL 
_pdbx_database_status.entry_id                        298D 
_pdbx_database_status.recvd_initial_deposition_date   1996-10-10 
_pdbx_database_status.deposit_site                    NDB 
_pdbx_database_status.process_site                    NDB 
_pdbx_database_status.status_code_sf                  REL 
_pdbx_database_status.status_code_mr                  ? 
_pdbx_database_status.SG_entry                        ? 
_pdbx_database_status.pdb_format_compatible           Y 
_pdbx_database_status.status_code_cs                  ? 
_pdbx_database_status.status_code_nmr_data            ? 
_pdbx_database_status.methods_development_category    ? 
# 
loop_
_audit_author.name 
_audit_author.pdbx_ordinal 
'Trent, J.O.'    1 
'Clark, G.R.'    2 
'Kumar, A.'      3 
'Wilson, W.D.'   4 
'Boykin, D.W.'   5 
'Hall, J.E.'     6 
'Tidwell, R.R.'  7 
'Blagburn, B.L.' 8 
'Neidle, S.'     9 
# 
loop_
_citation.id 
_citation.title 
_citation.journal_abbrev 
_citation.journal_volume 
_citation.page_first 
_citation.page_last 
_citation.year 
_citation.journal_id_ASTM 
_citation.country 
_citation.journal_id_ISSN 
_citation.journal_id_CSD 
_citation.book_publisher 
_citation.pdbx_database_id_PubMed 
_citation.pdbx_database_id_DOI 
primary 
;Targeting the minor groove of DNA: crystal structures of two complexes between furan derivatives of berenil and the DNA dodecamer d(CGCGAATTCGCG)2.
;
J.Med.Chem.  39 4554 4562 1996 JMCMAR US 0022-2623 0151 ? 8917643 10.1021/jm9604484 
1       
;A Crystallographic and Spectroscopic Study of the Complex Between d(CGCGAATTCGCG)2 and 2,5-Bis(4-guanylphenyl)furan, an Analogue of Berenil. Structural Origins of Enhanced DNA-binding Affinity
;
Biochemistry 35 5655 5661 1996 BICHAW US 0006-2960 0033 ? ?       ?                 
# 
loop_
_citation_author.citation_id 
_citation_author.name 
_citation_author.ordinal 
_citation_author.identifier_ORCID 
primary 'Trent, J.O.'    1  ? 
primary 'Clark, G.R.'    2  ? 
primary 'Kumar, A.'      3  ? 
primary 'Wilson, W.D.'   4  ? 
primary 'Boykin, D.W.'   5  ? 
primary 'Hall, J.E.'     6  ? 
primary 'Tidwell, R.R.'  7  ? 
primary 'Blagburn, B.L.' 8  ? 
primary 'Neidle, S.'     9  ? 
1       'Laughton, C.A.' 10 ? 
1       'Tanious, F.'    11 ? 
1       'Nunn, C.M.'     12 ? 
1       'Boykin, D.W.'   13 ? 
1       'Wilson, W.D.'   14 ? 
1       'Neidle, S.'     15 ? 
# 
loop_
_entity.id 
_entity.type 
_entity.src_method 
_entity.pdbx_description 
_entity.formula_weight 
_entity.pdbx_number_of_molecules 
_entity.pdbx_ec 
_entity.pdbx_mutation 
_entity.pdbx_fragment 
_entity.details 
1 polymer     nat 
;DNA (5'-D(*CP*GP*CP*GP*AP*AP*TP*TP*CP*GP*CP*G)-3')
;
3663.392 2  ? ? ? ? 
2 non-polymer syn '2,5-BIS{[4-(N-ISOPROPYL)DIAMINOMETHYL]PHENYL}FURAN' 392.537  1  ? ? ? ? 
3 water       nat water                                                18.015   81 ? ? ? ? 
# 
_entity_poly.entity_id                      1 
_entity_poly.type                           polydeoxyribonucleotide 
_entity_poly.nstd_linkage                   no 
_entity_poly.nstd_monomer                   no 
_entity_poly.pdbx_seq_one_letter_code       '(DC)(DG)(DC)(DG)(DA)(DA)(DT)(DT)(DC)(DG)(DC)(DG)' 
_entity_poly.pdbx_seq_one_letter_code_can   CGCGAATTCGCG 
_entity_poly.pdbx_strand_id                 A,B 
_entity_poly.pdbx_target_identifier         ? 
# 
loop_
_pdbx_entity_nonpoly.entity_id 
_pdbx_entity_nonpoly.name 
_pdbx_entity_nonpoly.comp_id 
2 '2,5-BIS{[4-(N-ISOPROPYL)DIAMINOMETHYL]PHENYL}FURAN' D18 
3 water                                                HOH 
# 
loop_
_entity_poly_seq.entity_id 
_entity_poly_seq.num 
_entity_poly_seq.mon_id 
_entity_poly_seq.hetero 
1 1  DC n 
1 2  DG n 
1 3  DC n 
1 4  DG n 
1 5  DA n 
1 6  DA n 
1 7  DT n 
1 8  DT n 
1 9  DC n 
1 10 DG n 
1 11 DC n 
1 12 DG n 
# 
loop_
_chem_comp.id 
_chem_comp.type 
_chem_comp.mon_nstd_flag 
_chem_comp.name 
_chem_comp.pdbx_synonyms 
_chem_comp.formula 
_chem_comp.formula_weight 
D18 non-polymer   . '2,5-BIS{[4-(N-ISOPROPYL)DIAMINOMETHYL]PHENYL}FURAN' 'FURAMIDINE DERIVATIVE' 'C24 H32 N4 O'    392.537 
DA  'DNA linking' y "2'-DEOXYADENOSINE-5'-MONOPHOSPHATE"                 ?                       'C10 H14 N5 O6 P' 331.222 
DC  'DNA linking' y "2'-DEOXYCYTIDINE-5'-MONOPHOSPHATE"                  ?                       'C9 H14 N3 O7 P'  307.197 
DG  'DNA linking' y "2'-DEOXYGUANOSINE-5'-MONOPHOSPHATE"                 ?                       'C10 H14 N5 O7 P' 347.221 
DT  'DNA linking' y "THYMIDINE-5'-MONOPHOSPHATE"                         ?                       'C10 H15 N2 O8 P' 322.208 
HOH non-polymer   . WATER                                                ?                       'H2 O'            18.015  
# 
loop_
_pdbx_poly_seq_scheme.asym_id 
_pdbx_poly_seq_scheme.entity_id 
_pdbx_poly_seq_scheme.seq_id 
_pdbx_poly_seq_scheme.mon_id 
_pdbx_poly_seq_scheme.ndb_seq_num 
_pdbx_poly_seq_scheme.pdb_seq_num 
_pdbx_poly_seq_scheme.auth_seq_num 
_pdbx_poly_seq_scheme.pdb_mon_id 
_pdbx_poly_seq_scheme.auth_mon_id 
_pdbx_poly_seq_scheme.pdb_strand_id 
_pdbx_poly_seq_scheme.pdb_ins_code 
_pdbx_poly_seq_scheme.hetero 
A 1 1  DC 1  1  1  DC C A . n 
A 1 2  DG 2  2  2  DG G A . n 
A 1 3  DC 3  3  3  DC C A . n 
A 1 4  DG 4  4  4  DG G A . n 
A 1 5  DA 5  5  5  DA A A . n 
A 1 6  DA 6  6  6  DA A A . n 
A 1 7  DT 7  7  7  DT T A . n 
A 1 8  DT 8  8  8  DT T A . n 
A 1 9  DC 9  9  9  DC C A . n 
A 1 10 DG 10 10 10 DG G A . n 
A 1 11 DC 11 11 11 DC C A . n 
A 1 12 DG 12 12 12 DG G A . n 
B 1 1  DC 1  13 13 DC C B . n 
B 1 2  DG 2  14 14 DG G B . n 
B 1 3  DC 3  15 15 DC C B . n 
B 1 4  DG 4  16 16 DG G B . n 
B 1 5  DA 5  17 17 DA A B . n 
B 1 6  DA 6  18 18 DA A B . n 
B 1 7  DT 7  19 19 DT T B . n 
B 1 8  DT 8  20 20 DT T B . n 
B 1 9  DC 9  21 21 DC C B . n 
B 1 10 DG 10 22 22 DG G B . n 
B 1 11 DC 11 23 23 DC C B . n 
B 1 12 DG 12 24 24 DG G B . n 
# 
loop_
_pdbx_nonpoly_scheme.asym_id 
_pdbx_nonpoly_scheme.entity_id 
_pdbx_nonpoly_scheme.mon_id 
_pdbx_nonpoly_scheme.ndb_seq_num 
_pdbx_nonpoly_scheme.pdb_seq_num 
_pdbx_nonpoly_scheme.auth_seq_num 
_pdbx_nonpoly_scheme.pdb_mon_id 
_pdbx_nonpoly_scheme.auth_mon_id 
_pdbx_nonpoly_scheme.pdb_strand_id 
_pdbx_nonpoly_scheme.pdb_ins_code 
C 2 D18 1  25  25  D18 D18 B . 
D 3 HOH 1  27  27  HOH HOH A . 
D 3 HOH 2  28  28  HOH HOH A . 
D 3 HOH 3  29  29  HOH HOH A . 
D 3 HOH 4  30  30  HOH HOH A . 
D 3 HOH 5  31  31  HOH HOH A . 
D 3 HOH 6  35  35  HOH HOH A . 
D 3 HOH 7  39  39  HOH HOH A . 
D 3 HOH 8  42  42  HOH HOH A . 
D 3 HOH 9  48  48  HOH HOH A . 
D 3 HOH 10 49  49  HOH HOH A . 
D 3 HOH 11 51  51  HOH HOH A . 
D 3 HOH 12 53  53  HOH HOH A . 
D 3 HOH 13 55  55  HOH HOH A . 
D 3 HOH 14 59  59  HOH HOH A . 
D 3 HOH 15 60  60  HOH HOH A . 
D 3 HOH 16 62  62  HOH HOH A . 
D 3 HOH 17 63  63  HOH HOH A . 
D 3 HOH 18 64  64  HOH HOH A . 
D 3 HOH 19 69  69  HOH HOH A . 
D 3 HOH 20 73  73  HOH HOH A . 
D 3 HOH 21 76  76  HOH HOH A . 
D 3 HOH 22 78  78  HOH HOH A . 
D 3 HOH 23 79  79  HOH HOH A . 
D 3 HOH 24 81  81  HOH HOH A . 
D 3 HOH 25 82  82  HOH HOH A . 
D 3 HOH 26 85  85  HOH HOH A . 
D 3 HOH 27 86  86  HOH HOH A . 
D 3 HOH 28 88  88  HOH HOH A . 
D 3 HOH 29 89  89  HOH HOH A . 
D 3 HOH 30 93  93  HOH HOH A . 
D 3 HOH 31 95  95  HOH HOH A . 
D 3 HOH 32 100 100 HOH HOH A . 
D 3 HOH 33 104 104 HOH HOH A . 
D 3 HOH 34 105 105 HOH HOH A . 
D 3 HOH 35 106 106 HOH HOH A . 
E 3 HOH 1  26  26  HOH HOH B . 
E 3 HOH 2  32  32  HOH HOH B . 
E 3 HOH 3  33  33  HOH HOH B . 
E 3 HOH 4  34  34  HOH HOH B . 
E 3 HOH 5  36  36  HOH HOH B . 
E 3 HOH 6  37  37  HOH HOH B . 
E 3 HOH 7  38  38  HOH HOH B . 
E 3 HOH 8  40  40  HOH HOH B . 
E 3 HOH 9  41  41  HOH HOH B . 
E 3 HOH 10 43  43  HOH HOH B . 
E 3 HOH 11 44  44  HOH HOH B . 
E 3 HOH 12 45  45  HOH HOH B . 
E 3 HOH 13 46  46  HOH HOH B . 
E 3 HOH 14 47  47  HOH HOH B . 
E 3 HOH 15 50  50  HOH HOH B . 
E 3 HOH 16 52  52  HOH HOH B . 
E 3 HOH 17 54  54  HOH HOH B . 
E 3 HOH 18 56  56  HOH HOH B . 
E 3 HOH 19 57  57  HOH HOH B . 
E 3 HOH 20 58  58  HOH HOH B . 
E 3 HOH 21 61  61  HOH HOH B . 
E 3 HOH 22 65  65  HOH HOH B . 
E 3 HOH 23 66  66  HOH HOH B . 
E 3 HOH 24 67  67  HOH HOH B . 
E 3 HOH 25 68  68  HOH HOH B . 
E 3 HOH 26 70  70  HOH HOH B . 
E 3 HOH 27 71  71  HOH HOH B . 
E 3 HOH 28 72  72  HOH HOH B . 
E 3 HOH 29 74  74  HOH HOH B . 
E 3 HOH 30 75  75  HOH HOH B . 
E 3 HOH 31 77  77  HOH HOH B . 
E 3 HOH 32 80  80  HOH HOH B . 
E 3 HOH 33 83  83  HOH HOH B . 
E 3 HOH 34 84  84  HOH HOH B . 
E 3 HOH 35 87  87  HOH HOH B . 
E 3 HOH 36 90  90  HOH HOH B . 
E 3 HOH 37 91  91  HOH HOH B . 
E 3 HOH 38 92  92  HOH HOH B . 
E 3 HOH 39 94  94  HOH HOH B . 
E 3 HOH 40 96  96  HOH HOH B . 
E 3 HOH 41 97  97  HOH HOH B . 
E 3 HOH 42 98  98  HOH HOH B . 
E 3 HOH 43 99  99  HOH HOH B . 
E 3 HOH 44 101 101 HOH HOH B . 
E 3 HOH 45 102 102 HOH HOH B . 
E 3 HOH 46 103 103 HOH HOH B . 
# 
loop_
_software.name 
_software.classification 
_software.version 
_software.citation_id 
_software.pdbx_ordinal 
X-PLOR refinement       .        ? 1 
XENGEN 'data reduction' 'V. 1.3' ? 2 
# 
_cell.entry_id           298D 
_cell.length_a           24.600 
_cell.length_b           40.070 
_cell.length_c           65.450 
_cell.angle_alpha        90.00 
_cell.angle_beta         90.00 
_cell.angle_gamma        90.00 
_cell.Z_PDB              8 
_cell.pdbx_unique_axis   ? 
# 
_symmetry.entry_id                         298D 
_symmetry.space_group_name_H-M             'P 21 21 21' 
_symmetry.pdbx_full_space_group_name_H-M   ? 
_symmetry.cell_setting                     ? 
_symmetry.Int_Tables_number                19 
# 
_exptl.entry_id          298D 
_exptl.method            'X-RAY DIFFRACTION' 
_exptl.crystals_number   ? 
# 
_exptl_crystal.id                    1 
_exptl_crystal.density_meas          ? 
_exptl_crystal.density_Matthews      2.20 
_exptl_crystal.density_percent_sol   44.13 
_exptl_crystal.description           ? 
# 
_exptl_crystal_grow.crystal_id      1 
_exptl_crystal_grow.method          'VAPOR DIFFUSION, HANGING DROP' 
_exptl_crystal_grow.temp            286.00 
_exptl_crystal_grow.temp_details    ? 
_exptl_crystal_grow.pH              7.00 
_exptl_crystal_grow.pdbx_details    'pH 7.00, VAPOR DIFFUSION, HANGING DROP, temperature 286.00K' 
_exptl_crystal_grow.pdbx_pH_range   ? 
# 
loop_
_exptl_crystal_grow_comp.crystal_id 
_exptl_crystal_grow_comp.id 
_exptl_crystal_grow_comp.sol_id 
_exptl_crystal_grow_comp.name 
_exptl_crystal_grow_comp.volume 
_exptl_crystal_grow_comp.conc 
_exptl_crystal_grow_comp.details 
1 1 1 WATER           ? ? ? 
1 2 1 MPD             ? ? ? 
1 3 1 MGCL2           ? ? ? 
1 4 1 SPERMINE        ? ? ? 
1 5 1 'NA CACODYLATE' ? ? ? 
1 6 2 WATER           ? ? ? 
1 7 2 MPD             ? ? ? 
# 
_diffrn.id                     1 
_diffrn.ambient_temp           287.00 
_diffrn.ambient_temp_details   ? 
_diffrn.crystal_id             1 
# 
_diffrn_detector.diffrn_id              1 
_diffrn_detector.detector               'AREA DETECTOR' 
_diffrn_detector.type                   XENTRONICS 
_diffrn_detector.pdbx_collection_date   1995-09-12 
_diffrn_detector.details                ? 
# 
_diffrn_radiation.diffrn_id                        1 
_diffrn_radiation.wavelength_id                    1 
_diffrn_radiation.pdbx_monochromatic_or_laue_m_l   M 
_diffrn_radiation.monochromator                    GRAPHITE 
_diffrn_radiation.pdbx_diffrn_protocol             ? 
_diffrn_radiation.pdbx_scattering_type             x-ray 
# 
_diffrn_radiation_wavelength.id           1 
_diffrn_radiation_wavelength.wavelength   1.5418 
_diffrn_radiation_wavelength.wt           1.0 
# 
_diffrn_source.diffrn_id                   1 
_diffrn_source.source                      'ROTATING ANODE' 
_diffrn_source.type                        ? 
_diffrn_source.pdbx_synchrotron_site       ? 
_diffrn_source.pdbx_synchrotron_beamline   ? 
_diffrn_source.pdbx_wavelength             1.5418 
_diffrn_source.pdbx_wavelength_list        ? 
# 
_reflns.entry_id                     298D 
_reflns.observed_criterion_sigma_I   ? 
_reflns.observed_criterion_sigma_F   ? 
_reflns.d_resolution_low             ? 
_reflns.d_resolution_high            2.200 
_reflns.number_obs                   3146 
_reflns.number_all                   ? 
_reflns.percent_possible_obs         87.600 
_reflns.pdbx_Rmerge_I_obs            0.0730000 
_reflns.pdbx_Rsym_value              ? 
_reflns.pdbx_netI_over_sigmaI        ? 
_reflns.B_iso_Wilson_estimate        ? 
_reflns.pdbx_redundancy              ? 
_reflns.pdbx_diffrn_id               1 
_reflns.pdbx_ordinal                 1 
# 
_refine.entry_id                                 298D 
_refine.ls_number_reflns_obs                     2591 
_refine.ls_number_reflns_all                     ? 
_refine.pdbx_ls_sigma_I                          ? 
_refine.pdbx_ls_sigma_F                          2.000 
_refine.pdbx_data_cutoff_high_absF               ? 
_refine.pdbx_data_cutoff_low_absF                ? 
_refine.pdbx_data_cutoff_high_rms_absF           ? 
_refine.ls_d_res_low                             8.000 
_refine.ls_d_res_high                            2.200 
_refine.ls_percent_reflns_obs                    ? 
_refine.ls_R_factor_obs                          0.1690000 
_refine.ls_R_factor_all                          ? 
_refine.ls_R_factor_R_work                       0.1690000 
_refine.ls_R_factor_R_free                       ? 
_refine.ls_R_factor_R_free_error                 ? 
_refine.ls_R_factor_R_free_error_details         ? 
_refine.ls_percent_reflns_R_free                 ? 
_refine.ls_number_reflns_R_free                  ? 
_refine.ls_number_parameters                     ? 
_refine.ls_number_restraints                     ? 
_refine.occupancy_min                            ? 
_refine.occupancy_max                            ? 
_refine.B_iso_mean                               ? 
_refine.aniso_B[1][1]                            ? 
_refine.aniso_B[2][2]                            ? 
_refine.aniso_B[3][3]                            ? 
_refine.aniso_B[1][2]                            ? 
_refine.aniso_B[1][3]                            ? 
_refine.aniso_B[2][3]                            ? 
_refine.solvent_model_details                    ? 
_refine.solvent_model_param_ksol                 ? 
_refine.solvent_model_param_bsol                 ? 
_refine.pdbx_ls_cross_valid_method               ? 
_refine.details                                  ? 
_refine.pdbx_starting_model                      BDL001 
_refine.pdbx_method_to_determine_struct          ? 
_refine.pdbx_isotropic_thermal_model             ? 
_refine.pdbx_stereochemistry_target_values       ? 
_refine.pdbx_stereochem_target_val_spec_case     ? 
_refine.pdbx_R_Free_selection_details            ? 
_refine.pdbx_overall_ESU_R                       ? 
_refine.pdbx_overall_ESU_R_Free                  ? 
_refine.overall_SU_ML                            ? 
_refine.overall_SU_B                             ? 
_refine.pdbx_refine_id                           'X-RAY DIFFRACTION' 
_refine.pdbx_diffrn_id                           1 
_refine.pdbx_TLS_residual_ADP_flag               ? 
_refine.correlation_coeff_Fo_to_Fc               ? 
_refine.correlation_coeff_Fo_to_Fc_free          ? 
_refine.pdbx_solvent_vdw_probe_radii             ? 
_refine.pdbx_solvent_ion_probe_radii             ? 
_refine.pdbx_solvent_shrinkage_radii             ? 
_refine.pdbx_overall_phase_error                 ? 
_refine.overall_SU_R_Cruickshank_DPI             ? 
_refine.pdbx_overall_SU_R_free_Cruickshank_DPI   ? 
_refine.pdbx_overall_SU_R_Blow_DPI               ? 
_refine.pdbx_overall_SU_R_free_Blow_DPI          ? 
# 
_refine_hist.pdbx_refine_id                   'X-RAY DIFFRACTION' 
_refine_hist.cycle_id                         LAST 
_refine_hist.pdbx_number_atoms_protein        0 
_refine_hist.pdbx_number_atoms_nucleic_acid   486 
_refine_hist.pdbx_number_atoms_ligand         29 
_refine_hist.number_atoms_solvent             81 
_refine_hist.number_atoms_total               596 
_refine_hist.d_res_high                       2.200 
_refine_hist.d_res_low                        8.000 
# 
loop_
_refine_ls_restr.type 
_refine_ls_restr.dev_ideal 
_refine_ls_restr.dev_ideal_target 
_refine_ls_restr.weight 
_refine_ls_restr.number 
_refine_ls_restr.pdbx_refine_id 
_refine_ls_restr.pdbx_restraint_function 
x_bond_d                0.009 ? ? ? 'X-RAY DIFFRACTION' ? 
x_bond_d_na             ?     ? ? ? 'X-RAY DIFFRACTION' ? 
x_bond_d_prot           ?     ? ? ? 'X-RAY DIFFRACTION' ? 
x_angle_d               ?     ? ? ? 'X-RAY DIFFRACTION' ? 
x_angle_d_na            ?     ? ? ? 'X-RAY DIFFRACTION' ? 
x_angle_d_prot          ?     ? ? ? 'X-RAY DIFFRACTION' ? 
x_angle_deg             1.53  ? ? ? 'X-RAY DIFFRACTION' ? 
x_angle_deg_na          ?     ? ? ? 'X-RAY DIFFRACTION' ? 
x_angle_deg_prot        ?     ? ? ? 'X-RAY DIFFRACTION' ? 
x_dihedral_angle_d      ?     ? ? ? 'X-RAY DIFFRACTION' ? 
x_dihedral_angle_d_na   ?     ? ? ? 'X-RAY DIFFRACTION' ? 
x_dihedral_angle_d_prot ?     ? ? ? 'X-RAY DIFFRACTION' ? 
x_improper_angle_d      ?     ? ? ? 'X-RAY DIFFRACTION' ? 
x_improper_angle_d_na   ?     ? ? ? 'X-RAY DIFFRACTION' ? 
x_improper_angle_d_prot ?     ? ? ? 'X-RAY DIFFRACTION' ? 
x_mcbond_it             ?     ? ? ? 'X-RAY DIFFRACTION' ? 
x_mcangle_it            ?     ? ? ? 'X-RAY DIFFRACTION' ? 
x_scbond_it             ?     ? ? ? 'X-RAY DIFFRACTION' ? 
x_scangle_it            ?     ? ? ? 'X-RAY DIFFRACTION' ? 
# 
_struct.entry_id                  298D 
_struct.title                     
;TARGETING THE MINOR GROOVE OF DNA: CRYSTAL STRUCTURES OF TWO COMPLEXES BETWEEN FURAN DERIVATIVES OF BERENIL AND THE DNA DODECAMER D(CGCGAATTCGCG)2
;
_struct.pdbx_model_details        ? 
_struct.pdbx_CASP_flag            ? 
_struct.pdbx_model_type_details   ? 
# 
_struct_keywords.entry_id        298D 
_struct_keywords.pdbx_keywords   DNA 
_struct_keywords.text            'B-DNA, DOUBLE HELIX, COMPLEXED WITH DRUG, DNA' 
# 
loop_
_struct_asym.id 
_struct_asym.pdbx_blank_PDB_chainid_flag 
_struct_asym.pdbx_modified 
_struct_asym.entity_id 
_struct_asym.details 
A N N 1 ? 
B N N 1 ? 
C N N 2 ? 
D N N 3 ? 
E N N 3 ? 
# 
_struct_ref.id                         1 
_struct_ref.entity_id                  1 
_struct_ref.db_name                    PDB 
_struct_ref.db_code                    298D 
_struct_ref.pdbx_db_accession          298D 
_struct_ref.pdbx_db_isoform            ? 
_struct_ref.pdbx_seq_one_letter_code   ? 
_struct_ref.pdbx_align_begin           ? 
# 
loop_
_struct_ref_seq.align_id 
_struct_ref_seq.ref_id 
_struct_ref_seq.pdbx_PDB_id_code 
_struct_ref_seq.pdbx_strand_id 
_struct_ref_seq.seq_align_beg 
_struct_ref_seq.pdbx_seq_align_beg_ins_code 
_struct_ref_seq.seq_align_end 
_struct_ref_seq.pdbx_seq_align_end_ins_code 
_struct_ref_seq.pdbx_db_accession 
_struct_ref_seq.db_align_beg 
_struct_ref_seq.pdbx_db_align_beg_ins_code 
_struct_ref_seq.db_align_end 
_struct_ref_seq.pdbx_db_align_end_ins_code 
_struct_ref_seq.pdbx_auth_seq_align_beg 
_struct_ref_seq.pdbx_auth_seq_align_end 
1 1 298D A 1 ? 12 ? 298D 1  ? 12 ? 1  12 
2 1 298D B 1 ? 12 ? 298D 13 ? 24 ? 13 24 
# 
_pdbx_struct_assembly.id                   1 
_pdbx_struct_assembly.details              author_defined_assembly 
_pdbx_struct_assembly.method_details       ? 
_pdbx_struct_assembly.oligomeric_details   dimeric 
_pdbx_struct_assembly.oligomeric_count     2 
# 
_pdbx_struct_assembly_gen.assembly_id       1 
_pdbx_struct_assembly_gen.oper_expression   1 
_pdbx_struct_assembly_gen.asym_id_list      A,B,C,D,E 
# 
_pdbx_struct_oper_list.id                   1 
_pdbx_struct_oper_list.type                 'identity operation' 
_pdbx_struct_oper_list.name                 1_555 
_pdbx_struct_oper_list.symmetry_operation   x,y,z 
_pdbx_struct_oper_list.matrix[1][1]         1.0000000000 
_pdbx_struct_oper_list.matrix[1][2]         0.0000000000 
_pdbx_struct_oper_list.matrix[1][3]         0.0000000000 
_pdbx_struct_oper_list.vector[1]            0.0000000000 
_pdbx_struct_oper_list.matrix[2][1]         0.0000000000 
_pdbx_struct_oper_list.matrix[2][2]         1.0000000000 
_pdbx_struct_oper_list.matrix[2][3]         0.0000000000 
_pdbx_struct_oper_list.vector[2]            0.0000000000 
_pdbx_struct_oper_list.matrix[3][1]         0.0000000000 
_pdbx_struct_oper_list.matrix[3][2]         0.0000000000 
_pdbx_struct_oper_list.matrix[3][3]         1.0000000000 
_pdbx_struct_oper_list.vector[3]            0.0000000000 
# 
_struct_biol.id   1 
# 
loop_
_struct_conn.id 
_struct_conn.conn_type_id 
_struct_conn.pdbx_leaving_atom_flag 
_struct_conn.pdbx_PDB_id 
_struct_conn.ptnr1_label_asym_id 
_struct_conn.ptnr1_label_comp_id 
_struct_conn.ptnr1_label_seq_id 
_struct_conn.ptnr1_label_atom_id 
_struct_conn.pdbx_ptnr1_label_alt_id 
_struct_conn.pdbx_ptnr1_PDB_ins_code 
_struct_conn.pdbx_ptnr1_standard_comp_id 
_struct_conn.ptnr1_symmetry 
_struct_conn.ptnr2_label_asym_id 
_struct_conn.ptnr2_label_comp_id 
_struct_conn.ptnr2_label_seq_id 
_struct_conn.ptnr2_label_atom_id 
_struct_conn.pdbx_ptnr2_label_alt_id 
_struct_conn.pdbx_ptnr2_PDB_ins_code 
_struct_conn.ptnr1_auth_asym_id 
_struct_conn.ptnr1_auth_comp_id 
_struct_conn.ptnr1_auth_seq_id 
_struct_conn.ptnr2_auth_asym_id 
_struct_conn.ptnr2_auth_comp_id 
_struct_conn.ptnr2_auth_seq_id 
_struct_conn.ptnr2_symmetry 
_struct_conn.pdbx_ptnr3_label_atom_id 
_struct_conn.pdbx_ptnr3_label_seq_id 
_struct_conn.pdbx_ptnr3_label_comp_id 
_struct_conn.pdbx_ptnr3_label_asym_id 
_struct_conn.pdbx_ptnr3_label_alt_id 
_struct_conn.pdbx_ptnr3_PDB_ins_code 
_struct_conn.details 
_struct_conn.pdbx_dist_value 
_struct_conn.pdbx_value_order 
_struct_conn.pdbx_role 
hydrog1  hydrog ? ? A DC 1  N3 ? ? ? 1_555 B DG 12 N1 ? ? A DC 1  B DG 24 1_555 ? ? ? ? ? ? WATSON-CRICK ? ? ? 
hydrog2  hydrog ? ? A DC 1  N4 ? ? ? 1_555 B DG 12 O6 ? ? A DC 1  B DG 24 1_555 ? ? ? ? ? ? WATSON-CRICK ? ? ? 
hydrog3  hydrog ? ? A DC 1  O2 ? ? ? 1_555 B DG 12 N2 ? ? A DC 1  B DG 24 1_555 ? ? ? ? ? ? WATSON-CRICK ? ? ? 
hydrog4  hydrog ? ? A DG 2  N1 ? ? ? 1_555 B DC 11 N3 ? ? A DG 2  B DC 23 1_555 ? ? ? ? ? ? WATSON-CRICK ? ? ? 
hydrog5  hydrog ? ? A DG 2  N2 ? ? ? 1_555 B DC 11 O2 ? ? A DG 2  B DC 23 1_555 ? ? ? ? ? ? WATSON-CRICK ? ? ? 
hydrog6  hydrog ? ? A DG 2  O6 ? ? ? 1_555 B DC 11 N4 ? ? A DG 2  B DC 23 1_555 ? ? ? ? ? ? WATSON-CRICK ? ? ? 
hydrog7  hydrog ? ? A DC 3  N3 ? ? ? 1_555 B DG 10 N1 ? ? A DC 3  B DG 22 1_555 ? ? ? ? ? ? WATSON-CRICK ? ? ? 
hydrog8  hydrog ? ? A DC 3  N4 ? ? ? 1_555 B DG 10 O6 ? ? A DC 3  B DG 22 1_555 ? ? ? ? ? ? WATSON-CRICK ? ? ? 
hydrog9  hydrog ? ? A DC 3  O2 ? ? ? 1_555 B DG 10 N2 ? ? A DC 3  B DG 22 1_555 ? ? ? ? ? ? WATSON-CRICK ? ? ? 
hydrog10 hydrog ? ? A DG 4  N1 ? ? ? 1_555 B DC 9  N3 ? ? A DG 4  B DC 21 1_555 ? ? ? ? ? ? WATSON-CRICK ? ? ? 
hydrog11 hydrog ? ? A DG 4  N2 ? ? ? 1_555 B DC 9  O2 ? ? A DG 4  B DC 21 1_555 ? ? ? ? ? ? WATSON-CRICK ? ? ? 
hydrog12 hydrog ? ? A DG 4  O6 ? ? ? 1_555 B DC 9  N4 ? ? A DG 4  B DC 21 1_555 ? ? ? ? ? ? WATSON-CRICK ? ? ? 
hydrog13 hydrog ? ? A DA 5  N1 ? ? ? 1_555 B DT 8  N3 ? ? A DA 5  B DT 20 1_555 ? ? ? ? ? ? WATSON-CRICK ? ? ? 
hydrog14 hydrog ? ? A DA 5  N6 ? ? ? 1_555 B DT 8  O4 ? ? A DA 5  B DT 20 1_555 ? ? ? ? ? ? WATSON-CRICK ? ? ? 
hydrog15 hydrog ? ? A DA 6  N1 ? ? ? 1_555 B DT 7  N3 ? ? A DA 6  B DT 19 1_555 ? ? ? ? ? ? WATSON-CRICK ? ? ? 
hydrog16 hydrog ? ? A DA 6  N6 ? ? ? 1_555 B DT 7  O4 ? ? A DA 6  B DT 19 1_555 ? ? ? ? ? ? WATSON-CRICK ? ? ? 
hydrog17 hydrog ? ? A DT 7  N3 ? ? ? 1_555 B DA 6  N1 ? ? A DT 7  B DA 18 1_555 ? ? ? ? ? ? 'DT-DA PAIR' ? ? ? 
hydrog18 hydrog ? ? A DT 8  N3 ? ? ? 1_555 B DA 5  N1 ? ? A DT 8  B DA 17 1_555 ? ? ? ? ? ? WATSON-CRICK ? ? ? 
hydrog19 hydrog ? ? A DT 8  O4 ? ? ? 1_555 B DA 5  N6 ? ? A DT 8  B DA 17 1_555 ? ? ? ? ? ? WATSON-CRICK ? ? ? 
hydrog20 hydrog ? ? A DC 9  N3 ? ? ? 1_555 B DG 4  N1 ? ? A DC 9  B DG 16 1_555 ? ? ? ? ? ? WATSON-CRICK ? ? ? 
hydrog21 hydrog ? ? A DC 9  N4 ? ? ? 1_555 B DG 4  O6 ? ? A DC 9  B DG 16 1_555 ? ? ? ? ? ? WATSON-CRICK ? ? ? 
hydrog22 hydrog ? ? A DC 9  O2 ? ? ? 1_555 B DG 4  N2 ? ? A DC 9  B DG 16 1_555 ? ? ? ? ? ? WATSON-CRICK ? ? ? 
hydrog23 hydrog ? ? A DG 10 N1 ? ? ? 1_555 B DC 3  N3 ? ? A DG 10 B DC 15 1_555 ? ? ? ? ? ? WATSON-CRICK ? ? ? 
hydrog24 hydrog ? ? A DG 10 N2 ? ? ? 1_555 B DC 3  O2 ? ? A DG 10 B DC 15 1_555 ? ? ? ? ? ? WATSON-CRICK ? ? ? 
hydrog25 hydrog ? ? A DG 10 O6 ? ? ? 1_555 B DC 3  N4 ? ? A DG 10 B DC 15 1_555 ? ? ? ? ? ? WATSON-CRICK ? ? ? 
hydrog26 hydrog ? ? A DC 11 N3 ? ? ? 1_555 B DG 2  N1 ? ? A DC 11 B DG 14 1_555 ? ? ? ? ? ? WATSON-CRICK ? ? ? 
hydrog27 hydrog ? ? A DC 11 N4 ? ? ? 1_555 B DG 2  O6 ? ? A DC 11 B DG 14 1_555 ? ? ? ? ? ? WATSON-CRICK ? ? ? 
hydrog28 hydrog ? ? A DC 11 O2 ? ? ? 1_555 B DG 2  N2 ? ? A DC 11 B DG 14 1_555 ? ? ? ? ? ? WATSON-CRICK ? ? ? 
hydrog29 hydrog ? ? A DG 12 N1 ? ? ? 1_555 B DC 1  N3 ? ? A DG 12 B DC 13 1_555 ? ? ? ? ? ? WATSON-CRICK ? ? ? 
hydrog30 hydrog ? ? A DG 12 N2 ? ? ? 1_555 B DC 1  O2 ? ? A DG 12 B DC 13 1_555 ? ? ? ? ? ? WATSON-CRICK ? ? ? 
hydrog31 hydrog ? ? A DG 12 O6 ? ? ? 1_555 B DC 1  N4 ? ? A DG 12 B DC 13 1_555 ? ? ? ? ? ? WATSON-CRICK ? ? ? 
# 
_struct_conn_type.id          hydrog 
_struct_conn_type.criteria    ? 
_struct_conn_type.reference   ? 
# 
loop_
_struct_site.id 
_struct_site.pdbx_evidence_code 
_struct_site.pdbx_auth_asym_id 
_struct_site.pdbx_auth_comp_id 
_struct_site.pdbx_auth_seq_id 
_struct_site.pdbx_auth_ins_code 
_struct_site.pdbx_num_residues 
_struct_site.details 
AC1                 Software B D18 25 ? 13 'BINDING SITE FOR RESIDUE D18 B 25' 
'DRUG BINDING SITE' ?        ? ?   ?  ? ?  ?                                   
# 
loop_
_struct_site_gen.id 
_struct_site_gen.site_id 
_struct_site_gen.pdbx_num_res 
_struct_site_gen.label_comp_id 
_struct_site_gen.label_asym_id 
_struct_site_gen.label_seq_id 
_struct_site_gen.pdbx_auth_ins_code 
_struct_site_gen.auth_comp_id 
_struct_site_gen.auth_asym_id 
_struct_site_gen.auth_seq_id 
_struct_site_gen.label_atom_id 
_struct_site_gen.label_alt_id 
_struct_site_gen.symmetry 
_struct_site_gen.details 
1  AC1 13 DA  A 6 ? DA  A 6  . ? 1_555 ? 
2  AC1 13 DT  A 7 ? DT  A 7  . ? 1_555 ? 
3  AC1 13 DT  A 8 ? DT  A 8  . ? 1_555 ? 
4  AC1 13 DC  A 9 ? DC  A 9  . ? 1_555 ? 
5  AC1 13 DA  B 5 ? DA  B 17 . ? 1_555 ? 
6  AC1 13 DA  B 6 ? DA  B 18 . ? 1_555 ? 
7  AC1 13 DT  B 7 ? DT  B 19 . ? 1_555 ? 
8  AC1 13 DT  B 8 ? DT  B 20 . ? 1_555 ? 
9  AC1 13 DC  B 9 ? DC  B 21 . ? 1_555 ? 
10 AC1 13 HOH E . ? HOH B 57 . ? 1_555 ? 
11 AC1 13 HOH E . ? HOH B 71 . ? 1_555 ? 
12 AC1 13 HOH E . ? HOH B 72 . ? 1_555 ? 
13 AC1 13 HOH E . ? HOH B 99 . ? 1_555 ? 
# 
loop_
_pdbx_validate_chiral.id 
_pdbx_validate_chiral.PDB_model_num 
_pdbx_validate_chiral.auth_atom_id 
_pdbx_validate_chiral.label_alt_id 
_pdbx_validate_chiral.auth_asym_id 
_pdbx_validate_chiral.auth_comp_id 
_pdbx_validate_chiral.auth_seq_id 
_pdbx_validate_chiral.PDB_ins_code 
_pdbx_validate_chiral.details 
_pdbx_validate_chiral.omega 
1 1 C7    ? B D18 25 ? PLANAR . 
2 1 "C7'" ? B D18 25 ? PLANAR . 
# 
loop_
_pdbx_validate_planes.id 
_pdbx_validate_planes.PDB_model_num 
_pdbx_validate_planes.auth_comp_id 
_pdbx_validate_planes.auth_asym_id 
_pdbx_validate_planes.auth_seq_id 
_pdbx_validate_planes.PDB_ins_code 
_pdbx_validate_planes.label_alt_id 
_pdbx_validate_planes.rmsd 
_pdbx_validate_planes.type 
1 1 DC A 11 ? ? 0.075 'SIDE CHAIN' 
2 1 DC B 21 ? ? 0.064 'SIDE CHAIN' 
3 1 DG B 22 ? ? 0.051 'SIDE CHAIN' 
# 
_struct_site_keywords.site_id   'DRUG BINDING SITE' 
_struct_site_keywords.text      'MINOR GROOVE BINDER' 
# 
loop_
_refine_B_iso.class 
_refine_B_iso.details 
_refine_B_iso.treatment 
_refine_B_iso.pdbx_refine_id 
'ALL ATOMS'  TR isotropic 'X-RAY DIFFRACTION' 
'ALL WATERS' TR isotropic 'X-RAY DIFFRACTION' 
# 
loop_
_refine_occupancy.class 
_refine_occupancy.treatment 
_refine_occupancy.pdbx_refine_id 
'ALL ATOMS'  fix 'X-RAY DIFFRACTION' 
'ALL WATERS' fix 'X-RAY DIFFRACTION' 
# 
loop_
_chem_comp_atom.comp_id 
_chem_comp_atom.atom_id 
_chem_comp_atom.type_symbol 
_chem_comp_atom.pdbx_aromatic_flag 
_chem_comp_atom.pdbx_stereo_config 
_chem_comp_atom.pdbx_ordinal 
D18 C10    C N N 1   
D18 C9     C N N 2   
D18 C8     C N N 3   
D18 N2     N N N 4   
D18 C7     C N S 5   
D18 N1     N N N 6   
D18 C1     C Y N 7   
D18 C2     C Y N 8   
D18 C3     C Y N 9   
D18 C4     C Y N 10  
D18 C5     C Y N 11  
D18 C6     C Y N 12  
D18 CA     C Y N 13  
D18 CB     C Y N 14  
D18 "CB'"  C Y N 15  
D18 "CA'"  C Y N 16  
D18 O1     O Y N 17  
D18 "C1'"  C Y N 18  
D18 "C2'"  C Y N 19  
D18 "C3'"  C Y N 20  
D18 "C4'"  C Y N 21  
D18 "C5'"  C Y N 22  
D18 "C6'"  C Y N 23  
D18 "C7'"  C N R 24  
D18 "N1'"  N N N 25  
D18 "N2'"  N N N 26  
D18 "C8'"  C N N 27  
D18 "C9'"  C N N 28  
D18 CAX    C N N 29  
D18 H101   H N N 30  
D18 H102   H N N 31  
D18 H103   H N N 32  
D18 H91    H N N 33  
D18 H92    H N N 34  
D18 H93    H N N 35  
D18 H8     H N N 36  
D18 HN2    H N N 37  
D18 H7     H N N 38  
D18 HN11   H N N 39  
D18 HN12   H N N 40  
D18 H2     H N N 41  
D18 H3     H N N 42  
D18 H5     H N N 43  
D18 H6     H N N 44  
D18 HB     H N N 45  
D18 "HB'"  H N N 46  
D18 "H2'"  H N N 47  
D18 "H3'"  H N N 48  
D18 "H5'"  H N N 49  
D18 "H6'"  H N N 50  
D18 "H7'"  H N N 51  
D18 "HN'1" H N N 52  
D18 "HN'2" H N N 53  
D18 "HN2'" H N N 54  
D18 "H8'"  H N N 55  
D18 "H9'1" H N N 56  
D18 "H9'2" H N N 57  
D18 "H9'3" H N N 58  
D18 "H1'1" H N N 59  
D18 "H1'2" H N N 60  
D18 "H1'3" H N N 61  
DA  OP3    O N N 62  
DA  P      P N N 63  
DA  OP1    O N N 64  
DA  OP2    O N N 65  
DA  "O5'"  O N N 66  
DA  "C5'"  C N N 67  
DA  "C4'"  C N R 68  
DA  "O4'"  O N N 69  
DA  "C3'"  C N S 70  
DA  "O3'"  O N N 71  
DA  "C2'"  C N N 72  
DA  "C1'"  C N R 73  
DA  N9     N Y N 74  
DA  C8     C Y N 75  
DA  N7     N Y N 76  
DA  C5     C Y N 77  
DA  C6     C Y N 78  
DA  N6     N N N 79  
DA  N1     N Y N 80  
DA  C2     C Y N 81  
DA  N3     N Y N 82  
DA  C4     C Y N 83  
DA  HOP3   H N N 84  
DA  HOP2   H N N 85  
DA  "H5'"  H N N 86  
DA  "H5''" H N N 87  
DA  "H4'"  H N N 88  
DA  "H3'"  H N N 89  
DA  "HO3'" H N N 90  
DA  "H2'"  H N N 91  
DA  "H2''" H N N 92  
DA  "H1'"  H N N 93  
DA  H8     H N N 94  
DA  H61    H N N 95  
DA  H62    H N N 96  
DA  H2     H N N 97  
DC  OP3    O N N 98  
DC  P      P N N 99  
DC  OP1    O N N 100 
DC  OP2    O N N 101 
DC  "O5'"  O N N 102 
DC  "C5'"  C N N 103 
DC  "C4'"  C N R 104 
DC  "O4'"  O N N 105 
DC  "C3'"  C N S 106 
DC  "O3'"  O N N 107 
DC  "C2'"  C N N 108 
DC  "C1'"  C N R 109 
DC  N1     N N N 110 
DC  C2     C N N 111 
DC  O2     O N N 112 
DC  N3     N N N 113 
DC  C4     C N N 114 
DC  N4     N N N 115 
DC  C5     C N N 116 
DC  C6     C N N 117 
DC  HOP3   H N N 118 
DC  HOP2   H N N 119 
DC  "H5'"  H N N 120 
DC  "H5''" H N N 121 
DC  "H4'"  H N N 122 
DC  "H3'"  H N N 123 
DC  "HO3'" H N N 124 
DC  "H2'"  H N N 125 
DC  "H2''" H N N 126 
DC  "H1'"  H N N 127 
DC  H41    H N N 128 
DC  H42    H N N 129 
DC  H5     H N N 130 
DC  H6     H N N 131 
DG  OP3    O N N 132 
DG  P      P N N 133 
DG  OP1    O N N 134 
DG  OP2    O N N 135 
DG  "O5'"  O N N 136 
DG  "C5'"  C N N 137 
DG  "C4'"  C N R 138 
DG  "O4'"  O N N 139 
DG  "C3'"  C N S 140 
DG  "O3'"  O N N 141 
DG  "C2'"  C N N 142 
DG  "C1'"  C N R 143 
DG  N9     N Y N 144 
DG  C8     C Y N 145 
DG  N7     N Y N 146 
DG  C5     C Y N 147 
DG  C6     C N N 148 
DG  O6     O N N 149 
DG  N1     N N N 150 
DG  C2     C N N 151 
DG  N2     N N N 152 
DG  N3     N N N 153 
DG  C4     C Y N 154 
DG  HOP3   H N N 155 
DG  HOP2   H N N 156 
DG  "H5'"  H N N 157 
DG  "H5''" H N N 158 
DG  "H4'"  H N N 159 
DG  "H3'"  H N N 160 
DG  "HO3'" H N N 161 
DG  "H2'"  H N N 162 
DG  "H2''" H N N 163 
DG  "H1'"  H N N 164 
DG  H8     H N N 165 
DG  H1     H N N 166 
DG  H21    H N N 167 
DG  H22    H N N 168 
DT  OP3    O N N 169 
DT  P      P N N 170 
DT  OP1    O N N 171 
DT  OP2    O N N 172 
DT  "O5'"  O N N 173 
DT  "C5'"  C N N 174 
DT  "C4'"  C N R 175 
DT  "O4'"  O N N 176 
DT  "C3'"  C N S 177 
DT  "O3'"  O N N 178 
DT  "C2'"  C N N 179 
DT  "C1'"  C N R 180 
DT  N1     N N N 181 
DT  C2     C N N 182 
DT  O2     O N N 183 
DT  N3     N N N 184 
DT  C4     C N N 185 
DT  O4     O N N 186 
DT  C5     C N N 187 
DT  C7     C N N 188 
DT  C6     C N N 189 
DT  HOP3   H N N 190 
DT  HOP2   H N N 191 
DT  "H5'"  H N N 192 
DT  "H5''" H N N 193 
DT  "H4'"  H N N 194 
DT  "H3'"  H N N 195 
DT  "HO3'" H N N 196 
DT  "H2'"  H N N 197 
DT  "H2''" H N N 198 
DT  "H1'"  H N N 199 
DT  H3     H N N 200 
DT  H71    H N N 201 
DT  H72    H N N 202 
DT  H73    H N N 203 
DT  H6     H N N 204 
HOH O      O N N 205 
HOH H1     H N N 206 
HOH H2     H N N 207 
# 
loop_
_chem_comp_bond.comp_id 
_chem_comp_bond.atom_id_1 
_chem_comp_bond.atom_id_2 
_chem_comp_bond.value_order 
_chem_comp_bond.pdbx_aromatic_flag 
_chem_comp_bond.pdbx_stereo_config 
_chem_comp_bond.pdbx_ordinal 
D18 C10   C8     sing N N 1   
D18 C10   H101   sing N N 2   
D18 C10   H102   sing N N 3   
D18 C10   H103   sing N N 4   
D18 C9    C8     sing N N 5   
D18 C9    H91    sing N N 6   
D18 C9    H92    sing N N 7   
D18 C9    H93    sing N N 8   
D18 C8    N2     sing N N 9   
D18 C8    H8     sing N N 10  
D18 N2    C7     sing N N 11  
D18 N2    HN2    sing N N 12  
D18 C7    N1     sing N N 13  
D18 C7    C4     sing N N 14  
D18 C7    H7     sing N N 15  
D18 N1    HN11   sing N N 16  
D18 N1    HN12   sing N N 17  
D18 C1    C2     sing Y N 18  
D18 C1    C6     doub Y N 19  
D18 C1    CA     sing Y N 20  
D18 C2    C3     doub Y N 21  
D18 C2    H2     sing N N 22  
D18 C3    C4     sing Y N 23  
D18 C3    H3     sing N N 24  
D18 C4    C5     doub Y N 25  
D18 C5    C6     sing Y N 26  
D18 C5    H5     sing N N 27  
D18 C6    H6     sing N N 28  
D18 CA    CB     doub Y N 29  
D18 CA    O1     sing Y N 30  
D18 CB    "CB'"  sing Y N 31  
D18 CB    HB     sing N N 32  
D18 "CB'" "CA'"  doub Y N 33  
D18 "CB'" "HB'"  sing N N 34  
D18 "CA'" O1     sing Y N 35  
D18 "CA'" "C1'"  sing Y N 36  
D18 "C1'" "C2'"  sing Y N 37  
D18 "C1'" "C6'"  doub Y N 38  
D18 "C2'" "C3'"  doub Y N 39  
D18 "C2'" "H2'"  sing N N 40  
D18 "C3'" "C4'"  sing Y N 41  
D18 "C3'" "H3'"  sing N N 42  
D18 "C4'" "C5'"  doub Y N 43  
D18 "C4'" "C7'"  sing N N 44  
D18 "C5'" "C6'"  sing Y N 45  
D18 "C5'" "H5'"  sing N N 46  
D18 "C6'" "H6'"  sing N N 47  
D18 "C7'" "N1'"  sing N N 48  
D18 "C7'" "N2'"  sing N N 49  
D18 "C7'" "H7'"  sing N N 50  
D18 "N1'" "HN'1" sing N N 51  
D18 "N1'" "HN'2" sing N N 52  
D18 "N2'" "C8'"  sing N N 53  
D18 "N2'" "HN2'" sing N N 54  
D18 "C8'" "C9'"  sing N N 55  
D18 "C8'" CAX    sing N N 56  
D18 "C8'" "H8'"  sing N N 57  
D18 "C9'" "H9'1" sing N N 58  
D18 "C9'" "H9'2" sing N N 59  
D18 "C9'" "H9'3" sing N N 60  
D18 CAX   "H1'1" sing N N 61  
D18 CAX   "H1'2" sing N N 62  
D18 CAX   "H1'3" sing N N 63  
DA  OP3   P      sing N N 64  
DA  OP3   HOP3   sing N N 65  
DA  P     OP1    doub N N 66  
DA  P     OP2    sing N N 67  
DA  P     "O5'"  sing N N 68  
DA  OP2   HOP2   sing N N 69  
DA  "O5'" "C5'"  sing N N 70  
DA  "C5'" "C4'"  sing N N 71  
DA  "C5'" "H5'"  sing N N 72  
DA  "C5'" "H5''" sing N N 73  
DA  "C4'" "O4'"  sing N N 74  
DA  "C4'" "C3'"  sing N N 75  
DA  "C4'" "H4'"  sing N N 76  
DA  "O4'" "C1'"  sing N N 77  
DA  "C3'" "O3'"  sing N N 78  
DA  "C3'" "C2'"  sing N N 79  
DA  "C3'" "H3'"  sing N N 80  
DA  "O3'" "HO3'" sing N N 81  
DA  "C2'" "C1'"  sing N N 82  
DA  "C2'" "H2'"  sing N N 83  
DA  "C2'" "H2''" sing N N 84  
DA  "C1'" N9     sing N N 85  
DA  "C1'" "H1'"  sing N N 86  
DA  N9    C8     sing Y N 87  
DA  N9    C4     sing Y N 88  
DA  C8    N7     doub Y N 89  
DA  C8    H8     sing N N 90  
DA  N7    C5     sing Y N 91  
DA  C5    C6     sing Y N 92  
DA  C5    C4     doub Y N 93  
DA  C6    N6     sing N N 94  
DA  C6    N1     doub Y N 95  
DA  N6    H61    sing N N 96  
DA  N6    H62    sing N N 97  
DA  N1    C2     sing Y N 98  
DA  C2    N3     doub Y N 99  
DA  C2    H2     sing N N 100 
DA  N3    C4     sing Y N 101 
DC  OP3   P      sing N N 102 
DC  OP3   HOP3   sing N N 103 
DC  P     OP1    doub N N 104 
DC  P     OP2    sing N N 105 
DC  P     "O5'"  sing N N 106 
DC  OP2   HOP2   sing N N 107 
DC  "O5'" "C5'"  sing N N 108 
DC  "C5'" "C4'"  sing N N 109 
DC  "C5'" "H5'"  sing N N 110 
DC  "C5'" "H5''" sing N N 111 
DC  "C4'" "O4'"  sing N N 112 
DC  "C4'" "C3'"  sing N N 113 
DC  "C4'" "H4'"  sing N N 114 
DC  "O4'" "C1'"  sing N N 115 
DC  "C3'" "O3'"  sing N N 116 
DC  "C3'" "C2'"  sing N N 117 
DC  "C3'" "H3'"  sing N N 118 
DC  "O3'" "HO3'" sing N N 119 
DC  "C2'" "C1'"  sing N N 120 
DC  "C2'" "H2'"  sing N N 121 
DC  "C2'" "H2''" sing N N 122 
DC  "C1'" N1     sing N N 123 
DC  "C1'" "H1'"  sing N N 124 
DC  N1    C2     sing N N 125 
DC  N1    C6     sing N N 126 
DC  C2    O2     doub N N 127 
DC  C2    N3     sing N N 128 
DC  N3    C4     doub N N 129 
DC  C4    N4     sing N N 130 
DC  C4    C5     sing N N 131 
DC  N4    H41    sing N N 132 
DC  N4    H42    sing N N 133 
DC  C5    C6     doub N N 134 
DC  C5    H5     sing N N 135 
DC  C6    H6     sing N N 136 
DG  OP3   P      sing N N 137 
DG  OP3   HOP3   sing N N 138 
DG  P     OP1    doub N N 139 
DG  P     OP2    sing N N 140 
DG  P     "O5'"  sing N N 141 
DG  OP2   HOP2   sing N N 142 
DG  "O5'" "C5'"  sing N N 143 
DG  "C5'" "C4'"  sing N N 144 
DG  "C5'" "H5'"  sing N N 145 
DG  "C5'" "H5''" sing N N 146 
DG  "C4'" "O4'"  sing N N 147 
DG  "C4'" "C3'"  sing N N 148 
DG  "C4'" "H4'"  sing N N 149 
DG  "O4'" "C1'"  sing N N 150 
DG  "C3'" "O3'"  sing N N 151 
DG  "C3'" "C2'"  sing N N 152 
DG  "C3'" "H3'"  sing N N 153 
DG  "O3'" "HO3'" sing N N 154 
DG  "C2'" "C1'"  sing N N 155 
DG  "C2'" "H2'"  sing N N 156 
DG  "C2'" "H2''" sing N N 157 
DG  "C1'" N9     sing N N 158 
DG  "C1'" "H1'"  sing N N 159 
DG  N9    C8     sing Y N 160 
DG  N9    C4     sing Y N 161 
DG  C8    N7     doub Y N 162 
DG  C8    H8     sing N N 163 
DG  N7    C5     sing Y N 164 
DG  C5    C6     sing N N 165 
DG  C5    C4     doub Y N 166 
DG  C6    O6     doub N N 167 
DG  C6    N1     sing N N 168 
DG  N1    C2     sing N N 169 
DG  N1    H1     sing N N 170 
DG  C2    N2     sing N N 171 
DG  C2    N3     doub N N 172 
DG  N2    H21    sing N N 173 
DG  N2    H22    sing N N 174 
DG  N3    C4     sing N N 175 
DT  OP3   P      sing N N 176 
DT  OP3   HOP3   sing N N 177 
DT  P     OP1    doub N N 178 
DT  P     OP2    sing N N 179 
DT  P     "O5'"  sing N N 180 
DT  OP2   HOP2   sing N N 181 
DT  "O5'" "C5'"  sing N N 182 
DT  "C5'" "C4'"  sing N N 183 
DT  "C5'" "H5'"  sing N N 184 
DT  "C5'" "H5''" sing N N 185 
DT  "C4'" "O4'"  sing N N 186 
DT  "C4'" "C3'"  sing N N 187 
DT  "C4'" "H4'"  sing N N 188 
DT  "O4'" "C1'"  sing N N 189 
DT  "C3'" "O3'"  sing N N 190 
DT  "C3'" "C2'"  sing N N 191 
DT  "C3'" "H3'"  sing N N 192 
DT  "O3'" "HO3'" sing N N 193 
DT  "C2'" "C1'"  sing N N 194 
DT  "C2'" "H2'"  sing N N 195 
DT  "C2'" "H2''" sing N N 196 
DT  "C1'" N1     sing N N 197 
DT  "C1'" "H1'"  sing N N 198 
DT  N1    C2     sing N N 199 
DT  N1    C6     sing N N 200 
DT  C2    O2     doub N N 201 
DT  C2    N3     sing N N 202 
DT  N3    C4     sing N N 203 
DT  N3    H3     sing N N 204 
DT  C4    O4     doub N N 205 
DT  C4    C5     sing N N 206 
DT  C5    C7     sing N N 207 
DT  C5    C6     doub N N 208 
DT  C7    H71    sing N N 209 
DT  C7    H72    sing N N 210 
DT  C7    H73    sing N N 211 
DT  C6    H6     sing N N 212 
HOH O     H1     sing N N 213 
HOH O     H2     sing N N 214 
# 
_ndb_struct_conf_na.entry_id   298D 
_ndb_struct_conf_na.feature    'b-form double helix' 
# 
loop_
_ndb_struct_na_base_pair.model_number 
_ndb_struct_na_base_pair.i_label_asym_id 
_ndb_struct_na_base_pair.i_label_comp_id 
_ndb_struct_na_base_pair.i_label_seq_id 
_ndb_struct_na_base_pair.i_symmetry 
_ndb_struct_na_base_pair.j_label_asym_id 
_ndb_struct_na_base_pair.j_label_comp_id 
_ndb_struct_na_base_pair.j_label_seq_id 
_ndb_struct_na_base_pair.j_symmetry 
_ndb_struct_na_base_pair.shear 
_ndb_struct_na_base_pair.stretch 
_ndb_struct_na_base_pair.stagger 
_ndb_struct_na_base_pair.buckle 
_ndb_struct_na_base_pair.propeller 
_ndb_struct_na_base_pair.opening 
_ndb_struct_na_base_pair.pair_number 
_ndb_struct_na_base_pair.pair_name 
_ndb_struct_na_base_pair.i_auth_asym_id 
_ndb_struct_na_base_pair.i_auth_seq_id 
_ndb_struct_na_base_pair.i_PDB_ins_code 
_ndb_struct_na_base_pair.j_auth_asym_id 
_ndb_struct_na_base_pair.j_auth_seq_id 
_ndb_struct_na_base_pair.j_PDB_ins_code 
_ndb_struct_na_base_pair.hbond_type_28 
_ndb_struct_na_base_pair.hbond_type_12 
1 A DC 1  1_555 B DG 12 1_555 0.245  -0.240 -0.221 -0.229 -12.173 0.541  1  A_DC1:DG24_B  A 1  ? B 24 ? 19 1 
1 A DG 2  1_555 B DC 11 1_555 -0.016 -0.319 -0.091 -1.907 -10.959 -1.341 2  A_DG2:DC23_B  A 2  ? B 23 ? 19 1 
1 A DC 3  1_555 B DG 10 1_555 -0.589 -0.157 0.058  -7.411 -5.881  -1.230 3  A_DC3:DG22_B  A 3  ? B 22 ? 19 1 
1 A DG 4  1_555 B DC 9  1_555 -0.422 -0.343 -0.018 6.688  -9.352  -2.655 4  A_DG4:DC21_B  A 4  ? B 21 ? 19 1 
1 A DA 5  1_555 B DT 8  1_555 0.662  -0.227 0.035  -0.254 -16.742 0.763  5  A_DA5:DT20_B  A 5  ? B 20 ? 20 1 
1 A DA 6  1_555 B DT 7  1_555 0.238  -0.003 0.159  7.171  -21.590 8.465  6  A_DA6:DT19_B  A 6  ? B 19 ? 20 1 
1 A DT 7  1_555 B DA 6  1_555 -0.015 0.284  0.241  2.405  -23.380 9.811  7  A_DT7:DA18_B  A 7  ? B 18 ? ?  ? 
1 A DT 8  1_555 B DA 5  1_555 -0.327 -0.130 0.169  6.587  -15.221 0.881  8  A_DT8:DA17_B  A 8  ? B 17 ? 20 1 
1 A DC 9  1_555 B DG 4  1_555 -0.309 -0.314 -0.061 -5.365 -8.278  -3.000 9  A_DC9:DG16_B  A 9  ? B 16 ? 19 1 
1 A DG 10 1_555 B DC 3  1_555 0.081  -0.026 0.056  8.847  -5.652  7.694  10 A_DG10:DC15_B A 10 ? B 15 ? 19 1 
1 A DC 11 1_555 B DG 2  1_555 0.083  -0.305 0.297  7.979  -19.473 2.321  11 A_DC11:DG14_B A 11 ? B 14 ? 19 1 
1 A DG 12 1_555 B DC 1  1_555 -0.377 -0.585 0.182  6.177  12.543  -7.232 12 A_DG12:DC13_B A 12 ? B 13 ? 19 1 
# 
loop_
_ndb_struct_na_base_pair_step.model_number 
_ndb_struct_na_base_pair_step.i_label_asym_id_1 
_ndb_struct_na_base_pair_step.i_label_comp_id_1 
_ndb_struct_na_base_pair_step.i_label_seq_id_1 
_ndb_struct_na_base_pair_step.i_symmetry_1 
_ndb_struct_na_base_pair_step.j_label_asym_id_1 
_ndb_struct_na_base_pair_step.j_label_comp_id_1 
_ndb_struct_na_base_pair_step.j_label_seq_id_1 
_ndb_struct_na_base_pair_step.j_symmetry_1 
_ndb_struct_na_base_pair_step.i_label_asym_id_2 
_ndb_struct_na_base_pair_step.i_label_comp_id_2 
_ndb_struct_na_base_pair_step.i_label_seq_id_2 
_ndb_struct_na_base_pair_step.i_symmetry_2 
_ndb_struct_na_base_pair_step.j_label_asym_id_2 
_ndb_struct_na_base_pair_step.j_label_comp_id_2 
_ndb_struct_na_base_pair_step.j_label_seq_id_2 
_ndb_struct_na_base_pair_step.j_symmetry_2 
_ndb_struct_na_base_pair_step.shift 
_ndb_struct_na_base_pair_step.slide 
_ndb_struct_na_base_pair_step.rise 
_ndb_struct_na_base_pair_step.tilt 
_ndb_struct_na_base_pair_step.roll 
_ndb_struct_na_base_pair_step.twist 
_ndb_struct_na_base_pair_step.x_displacement 
_ndb_struct_na_base_pair_step.y_displacement 
_ndb_struct_na_base_pair_step.helical_rise 
_ndb_struct_na_base_pair_step.inclination 
_ndb_struct_na_base_pair_step.tip 
_ndb_struct_na_base_pair_step.helical_twist 
_ndb_struct_na_base_pair_step.step_number 
_ndb_struct_na_base_pair_step.step_name 
_ndb_struct_na_base_pair_step.i_auth_asym_id_1 
_ndb_struct_na_base_pair_step.i_auth_seq_id_1 
_ndb_struct_na_base_pair_step.i_PDB_ins_code_1 
_ndb_struct_na_base_pair_step.j_auth_asym_id_1 
_ndb_struct_na_base_pair_step.j_auth_seq_id_1 
_ndb_struct_na_base_pair_step.j_PDB_ins_code_1 
_ndb_struct_na_base_pair_step.i_auth_asym_id_2 
_ndb_struct_na_base_pair_step.i_auth_seq_id_2 
_ndb_struct_na_base_pair_step.i_PDB_ins_code_2 
_ndb_struct_na_base_pair_step.j_auth_asym_id_2 
_ndb_struct_na_base_pair_step.j_auth_seq_id_2 
_ndb_struct_na_base_pair_step.j_PDB_ins_code_2 
1 A DC 1  1_555 B DG 12 1_555 A DG 2  1_555 B DC 11 1_555 -0.310 0.342  3.466 -0.424 10.588 34.712 -1.050 0.435  3.424 17.256 
0.691  36.246 1  AA_DC1DG2:DC23DG24_BB   A 1  ? B 24 ? A 2  ? B 23 ? 
1 A DG 2  1_555 B DC 11 1_555 A DC 3  1_555 B DG 10 1_555 0.487  0.421  3.399 2.082  -3.094 34.483 1.200  -0.485 3.372 -5.199 
-3.500 34.678 2  AA_DG2DC3:DG22DC23_BB   A 2  ? B 23 ? A 3  ? B 22 ? 
1 A DC 3  1_555 B DG 10 1_555 A DG 4  1_555 B DC 9  1_555 -0.206 0.489  3.102 -1.198 6.336  30.593 -0.252 0.164  3.143 11.843 
2.239  31.249 3  AA_DC3DG4:DC21DG22_BB   A 3  ? B 22 ? A 4  ? B 21 ? 
1 A DG 4  1_555 B DC 9  1_555 A DA 5  1_555 B DT 8  1_555 0.196  0.190  3.557 0.345  1.686  40.918 0.071  -0.239 3.563 2.411  
-0.493 40.953 4  AA_DG4DA5:DT20DC21_BB   A 4  ? B 21 ? A 5  ? B 20 ? 
1 A DA 5  1_555 B DT 8  1_555 A DA 6  1_555 B DT 7  1_555 0.240  -0.431 3.006 -0.251 6.509  34.344 -1.611 -0.434 2.877 10.902 
0.420  34.938 5  AA_DA5DA6:DT19DT20_BB   A 5  ? B 20 ? A 6  ? B 19 ? 
1 A DA 6  1_555 B DT 7  1_555 A DT 7  1_555 B DA 6  1_555 0.079  -0.422 3.460 -0.757 -2.582 33.503 -0.281 -0.269 3.479 -4.469 
1.311  33.608 6  AA_DA6DT7:DA18DT19_BB   A 6  ? B 19 ? A 7  ? B 18 ? 
1 A DT 7  1_555 B DA 6  1_555 A DT 8  1_555 B DA 5  1_555 -0.536 -0.239 3.114 0.809  1.413  32.832 -0.652 1.078  3.087 2.498  
-1.431 32.871 7  AA_DT7DT8:DA17DA18_BB   A 7  ? B 18 ? A 8  ? B 17 ? 
1 A DT 8  1_555 B DA 5  1_555 A DC 9  1_555 B DG 4  1_555 0.006  0.078  3.603 2.391  1.155  38.047 -0.041 0.324  3.598 1.770  
-3.662 38.136 8  AA_DT8DC9:DG16DA17_BB   A 8  ? B 17 ? A 9  ? B 16 ? 
1 A DC 9  1_555 B DG 4  1_555 A DG 10 1_555 B DC 3  1_555 0.615  1.345  3.216 1.517  -1.308 36.332 2.332  -0.778 3.189 -2.095 
-2.430 36.385 9  AA_DC9DG10:DC15DG16_BB  A 9  ? B 16 ? A 10 ? B 15 ? 
1 A DG 10 1_555 B DC 3  1_555 A DC 11 1_555 B DG 2  1_555 -0.871 0.710  3.417 -3.142 -5.221 38.437 1.726  0.910  3.354 -7.869 
4.736  38.899 10 AA_DG10DC11:DG14DC15_BB A 10 ? B 15 ? A 11 ? B 14 ? 
1 A DC 11 1_555 B DG 2  1_555 A DG 12 1_555 B DC 1  1_555 0.279  0.637  3.631 -1.077 -4.288 35.473 1.717  -0.626 3.523 -7.004 
1.759  35.738 11 AA_DC11DG12:DC13DG14_BB A 11 ? B 14 ? A 12 ? B 13 ? 
# 
_pdbx_initial_refinement_model.accession_code   1BNA 
_pdbx_initial_refinement_model.id               1 
_pdbx_initial_refinement_model.entity_id_list   ? 
_pdbx_initial_refinement_model.type             'experimental model' 
_pdbx_initial_refinement_model.source_name      PDB 
_pdbx_initial_refinement_model.details          BDL001 
# 
_atom_sites.entry_id                    298D 
_atom_sites.fract_transf_matrix[1][1]   -0.00335383 
_atom_sites.fract_transf_matrix[1][2]   0.03373755 
_atom_sites.fract_transf_matrix[1][3]   -0.02242659 
_atom_sites.fract_transf_matrix[2][1]   -0.01683378 
_atom_sites.fract_transf_matrix[2][2]   0.00900920 
_atom_sites.fract_transf_matrix[2][3]   0.01607047 
_atom_sites.fract_transf_matrix[3][1]   0.01120890 
_atom_sites.fract_transf_matrix[3][2]   0.00649773 
_atom_sites.fract_transf_matrix[3][3]   0.00809864 
_atom_sites.fract_transf_vector[1]      0.283330 
_atom_sites.fract_transf_vector[2]      0.557317 
_atom_sites.fract_transf_vector[3]      0.148481 
# 
loop_
_atom_type.symbol 
C 
N 
O 
P 
# 
loop_
_atom_site.group_PDB 
_atom_site.id 
_atom_site.type_symbol 
_atom_site.label_atom_id 
_atom_site.label_alt_id 
_atom_site.label_comp_id 
_atom_site.label_asym_id 
_atom_site.label_entity_id 
_atom_site.label_seq_id 
_atom_site.pdbx_PDB_ins_code 
_atom_site.Cartn_x 
_atom_site.Cartn_y 
_atom_site.Cartn_z 
_atom_site.occupancy 
_atom_site.B_iso_or_equiv 
_atom_site.pdbx_formal_charge 
_atom_site.auth_seq_id 
_atom_site.auth_comp_id 
_atom_site.auth_asym_id 
_atom_site.auth_atom_id 
_atom_site.pdbx_PDB_model_num 
ATOM   1   O "O5'" . DC  A 1 1  ? 3.002   20.055  9.447   1.00 43.76 ? 1   DC  A "O5'" 1 
ATOM   2   C "C5'" . DC  A 1 1  ? 1.987   20.157  8.415   1.00 36.59 ? 1   DC  A "C5'" 1 
ATOM   3   C "C4'" . DC  A 1 1  ? 2.609   20.592  7.108   1.00 35.93 ? 1   DC  A "C4'" 1 
ATOM   4   O "O4'" . DC  A 1 1  ? 3.921   20.001  6.999   1.00 31.61 ? 1   DC  A "O4'" 1 
ATOM   5   C "C3'" . DC  A 1 1  ? 1.863   20.178  5.843   1.00 33.79 ? 1   DC  A "C3'" 1 
ATOM   6   O "O3'" . DC  A 1 1  ? 1.970   21.221  4.876   1.00 39.06 ? 1   DC  A "O3'" 1 
ATOM   7   C "C2'" . DC  A 1 1  ? 2.587   18.925  5.399   1.00 31.62 ? 1   DC  A "C2'" 1 
ATOM   8   C "C1'" . DC  A 1 1  ? 4.011   19.197  5.838   1.00 28.09 ? 1   DC  A "C1'" 1 
ATOM   9   N N1    . DC  A 1 1  ? 4.759   18.007  6.197   1.00 24.95 ? 1   DC  A N1    1 
ATOM   10  C C2    . DC  A 1 1  ? 6.021   17.858  5.694   1.00 18.69 ? 1   DC  A C2    1 
ATOM   11  O O2    . DC  A 1 1  ? 6.423   18.693  4.883   1.00 17.17 ? 1   DC  A O2    1 
ATOM   12  N N3    . DC  A 1 1  ? 6.771   16.798  6.089   1.00 22.12 ? 1   DC  A N3    1 
ATOM   13  C C4    . DC  A 1 1  ? 6.255   15.893  6.933   1.00 19.48 ? 1   DC  A C4    1 
ATOM   14  N N4    . DC  A 1 1  ? 7.016   14.870  7.311   1.00 8.46  ? 1   DC  A N4    1 
ATOM   15  C C5    . DC  A 1 1  ? 4.936   16.002  7.425   1.00 16.89 ? 1   DC  A C5    1 
ATOM   16  C C6    . DC  A 1 1  ? 4.229   17.068  7.041   1.00 24.74 ? 1   DC  A C6    1 
ATOM   17  P P     . DG  A 1 2  ? 1.217   21.090  3.462   1.00 41.17 ? 2   DG  A P     1 
ATOM   18  O OP1   . DG  A 1 2  ? 0.915   22.477  3.011   1.00 46.93 ? 2   DG  A OP1   1 
ATOM   19  O OP2   . DG  A 1 2  ? 0.133   20.075  3.534   1.00 38.38 ? 2   DG  A OP2   1 
ATOM   20  O "O5'" . DG  A 1 2  ? 2.319   20.480  2.506   1.00 42.39 ? 2   DG  A "O5'" 1 
ATOM   21  C "C5'" . DG  A 1 2  ? 3.367   21.304  2.038   1.00 36.83 ? 2   DG  A "C5'" 1 
ATOM   22  C "C4'" . DG  A 1 2  ? 3.993   20.671  0.828   1.00 32.64 ? 2   DG  A "C4'" 1 
ATOM   23  O "O4'" . DG  A 1 2  ? 4.765   19.527  1.250   1.00 28.90 ? 2   DG  A "O4'" 1 
ATOM   24  C "C3'" . DG  A 1 2  ? 2.981   20.166  -0.201  1.00 34.36 ? 2   DG  A "C3'" 1 
ATOM   25  O "O3'" . DG  A 1 2  ? 3.342   20.700  -1.495  1.00 38.25 ? 2   DG  A "O3'" 1 
ATOM   26  C "C2'" . DG  A 1 2  ? 2.990   18.653  -0.025  1.00 28.34 ? 2   DG  A "C2'" 1 
ATOM   27  C "C1'" . DG  A 1 2  ? 4.365   18.360  0.554   1.00 24.98 ? 2   DG  A "C1'" 1 
ATOM   28  N N9    . DG  A 1 2  ? 4.426   17.265  1.499   1.00 19.51 ? 2   DG  A N9    1 
ATOM   29  C C8    . DG  A 1 2  ? 3.457   16.882  2.401   1.00 19.52 ? 2   DG  A C8    1 
ATOM   30  N N7    . DG  A 1 2  ? 3.839   15.908  3.177   1.00 12.40 ? 2   DG  A N7    1 
ATOM   31  C C5    . DG  A 1 2  ? 5.132   15.621  2.754   1.00 16.58 ? 2   DG  A C5    1 
ATOM   32  C C6    . DG  A 1 2  ? 6.057   14.659  3.219   1.00 14.75 ? 2   DG  A C6    1 
ATOM   33  O O6    . DG  A 1 2  ? 5.909   13.832  4.122   1.00 19.06 ? 2   DG  A O6    1 
ATOM   34  N N1    . DG  A 1 2  ? 7.257   14.709  2.511   1.00 13.24 ? 2   DG  A N1    1 
ATOM   35  C C2    . DG  A 1 2  ? 7.521   15.572  1.471   1.00 18.17 ? 2   DG  A C2    1 
ATOM   36  N N2    . DG  A 1 2  ? 8.727   15.483  0.895   1.00 8.08  ? 2   DG  A N2    1 
ATOM   37  N N3    . DG  A 1 2  ? 6.656   16.467  1.024   1.00 20.12 ? 2   DG  A N3    1 
ATOM   38  C C4    . DG  A 1 2  ? 5.496   16.438  1.706   1.00 17.44 ? 2   DG  A C4    1 
ATOM   39  P P     . DC  A 1 3  ? 2.666   20.146  -2.850  1.00 39.69 ? 3   DC  A P     1 
ATOM   40  O OP1   . DC  A 1 3  ? 2.848   21.239  -3.838  1.00 41.31 ? 3   DC  A OP1   1 
ATOM   41  O OP2   . DC  A 1 3  ? 1.319   19.554  -2.645  1.00 33.98 ? 3   DC  A OP2   1 
ATOM   42  O "O5'" . DC  A 1 3  ? 3.646   18.968  -3.250  1.00 33.24 ? 3   DC  A "O5'" 1 
ATOM   43  C "C5'" . DC  A 1 3  ? 5.010   19.267  -3.426  1.00 28.98 ? 3   DC  A "C5'" 1 
ATOM   44  C "C4'" . DC  A 1 3  ? 5.763   18.026  -3.816  1.00 28.21 ? 3   DC  A "C4'" 1 
ATOM   45  O "O4'" . DC  A 1 3  ? 5.793   17.147  -2.677  1.00 21.92 ? 3   DC  A "O4'" 1 
ATOM   46  C "C3'" . DC  A 1 3  ? 5.094   17.244  -4.935  1.00 30.90 ? 3   DC  A "C3'" 1 
ATOM   47  O "O3'" . DC  A 1 3  ? 5.928   17.176  -6.087  1.00 30.33 ? 3   DC  A "O3'" 1 
ATOM   48  C "C2'" . DC  A 1 3  ? 4.744   15.903  -4.320  1.00 26.23 ? 3   DC  A "C2'" 1 
ATOM   49  C "C1'" . DC  A 1 3  ? 5.632   15.830  -3.101  1.00 16.90 ? 3   DC  A "C1'" 1 
ATOM   50  N N1    . DC  A 1 3  ? 5.002   15.125  -2.039  1.00 11.98 ? 3   DC  A N1    1 
ATOM   51  C C2    . DC  A 1 3  ? 5.708   14.148  -1.368  1.00 10.65 ? 3   DC  A C2    1 
ATOM   52  O O2    . DC  A 1 3  ? 6.881   13.926  -1.694  1.00 22.68 ? 3   DC  A O2    1 
ATOM   53  N N3    . DC  A 1 3  ? 5.112   13.461  -0.384  1.00 10.89 ? 3   DC  A N3    1 
ATOM   54  C C4    . DC  A 1 3  ? 3.854   13.733  -0.060  1.00 14.95 ? 3   DC  A C4    1 
ATOM   55  N N4    . DC  A 1 3  ? 3.294   13.027  0.928   1.00 18.50 ? 3   DC  A N4    1 
ATOM   56  C C5    . DC  A 1 3  ? 3.106   14.741  -0.729  1.00 17.46 ? 3   DC  A C5    1 
ATOM   57  C C6    . DC  A 1 3  ? 3.716   15.406  -1.702  1.00 13.60 ? 3   DC  A C6    1 
ATOM   58  P P     . DG  A 1 4  ? 5.406   16.414  -7.400  1.00 32.22 ? 4   DG  A P     1 
ATOM   59  O OP1   . DG  A 1 4  ? 5.867   17.201  -8.571  1.00 35.29 ? 4   DG  A OP1   1 
ATOM   60  O OP2   . DG  A 1 4  ? 3.954   16.141  -7.213  1.00 29.71 ? 4   DG  A OP2   1 
ATOM   61  O "O5'" . DG  A 1 4  ? 6.208   15.050  -7.316  1.00 26.00 ? 4   DG  A "O5'" 1 
ATOM   62  C "C5'" . DG  A 1 4  ? 7.598   15.115  -7.026  1.00 31.04 ? 4   DG  A "C5'" 1 
ATOM   63  C "C4'" . DG  A 1 4  ? 8.144   13.739  -6.764  1.00 26.95 ? 4   DG  A "C4'" 1 
ATOM   64  O "O4'" . DG  A 1 4  ? 7.607   13.228  -5.527  1.00 28.95 ? 4   DG  A "O4'" 1 
ATOM   65  C "C3'" . DG  A 1 4  ? 7.759   12.744  -7.846  1.00 27.28 ? 4   DG  A "C3'" 1 
ATOM   66  O "O3'" . DG  A 1 4  ? 8.914   11.994  -8.201  1.00 34.35 ? 4   DG  A "O3'" 1 
ATOM   67  C "C2'" . DG  A 1 4  ? 6.655   11.920  -7.217  1.00 28.65 ? 4   DG  A "C2'" 1 
ATOM   68  C "C1'" . DG  A 1 4  ? 7.006   11.965  -5.741  1.00 25.14 ? 4   DG  A "C1'" 1 
ATOM   69  N N9    . DG  A 1 4  ? 5.859   11.867  -4.864  1.00 20.91 ? 4   DG  A N9    1 
ATOM   70  C C8    . DG  A 1 4  ? 4.646   12.513  -4.982  1.00 16.40 ? 4   DG  A C8    1 
ATOM   71  N N7    . DG  A 1 4  ? 3.818   12.219  -4.017  1.00 14.21 ? 4   DG  A N7    1 
ATOM   72  C C5    . DG  A 1 4  ? 4.536   11.330  -3.213  1.00 17.91 ? 4   DG  A C5    1 
ATOM   73  C C6    . DG  A 1 4  ? 4.174   10.651  -1.993  1.00 18.98 ? 4   DG  A C6    1 
ATOM   74  O O6    . DG  A 1 4  ? 3.124   10.733  -1.330  1.00 18.49 ? 4   DG  A O6    1 
ATOM   75  N N1    . DG  A 1 4  ? 5.190   9.815   -1.558  1.00 21.20 ? 4   DG  A N1    1 
ATOM   76  C C2    . DG  A 1 4  ? 6.397   9.653   -2.188  1.00 23.43 ? 4   DG  A C2    1 
ATOM   77  N N2    . DG  A 1 4  ? 7.239   8.781   -1.632  1.00 31.13 ? 4   DG  A N2    1 
ATOM   78  N N3    . DG  A 1 4  ? 6.756   10.291  -3.286  1.00 22.30 ? 4   DG  A N3    1 
ATOM   79  C C4    . DG  A 1 4  ? 5.787   11.100  -3.741  1.00 17.63 ? 4   DG  A C4    1 
ATOM   80  P P     . DA  A 1 5  ? 8.812   10.877  -9.343  1.00 40.13 ? 5   DA  A P     1 
ATOM   81  O OP1   . DA  A 1 5  ? 9.998   11.024  -10.231 1.00 43.00 ? 5   DA  A OP1   1 
ATOM   82  O OP2   . DA  A 1 5  ? 7.433   10.992  -9.905  1.00 43.91 ? 5   DA  A OP2   1 
ATOM   83  O "O5'" . DA  A 1 5  ? 8.861   9.499   -8.551  1.00 35.70 ? 5   DA  A "O5'" 1 
ATOM   84  C "C5'" . DA  A 1 5  ? 9.931   9.227   -7.648  1.00 31.84 ? 5   DA  A "C5'" 1 
ATOM   85  C "C4'" . DA  A 1 5  ? 9.598   8.028   -6.795  1.00 24.42 ? 5   DA  A "C4'" 1 
ATOM   86  O "O4'" . DA  A 1 5  ? 8.428   8.299   -5.977  1.00 23.04 ? 5   DA  A "O4'" 1 
ATOM   87  C "C3'" . DA  A 1 5  ? 9.267   6.792   -7.617  1.00 24.11 ? 5   DA  A "C3'" 1 
ATOM   88  O "O3'" . DA  A 1 5  ? 9.998   5.687   -7.111  1.00 30.06 ? 5   DA  A "O3'" 1 
ATOM   89  C "C2'" . DA  A 1 5  ? 7.763   6.643   -7.494  1.00 25.80 ? 5   DA  A "C2'" 1 
ATOM   90  C "C1'" . DA  A 1 5  ? 7.461   7.272   -6.147  1.00 21.21 ? 5   DA  A "C1'" 1 
ATOM   91  N N9    . DA  A 1 5  ? 6.110   7.872   -6.035  1.00 19.00 ? 5   DA  A N9    1 
ATOM   92  C C8    . DA  A 1 5  ? 5.479   8.752   -6.893  1.00 18.41 ? 5   DA  A C8    1 
ATOM   93  N N7    . DA  A 1 5  ? 4.267   9.096   -6.507  1.00 13.97 ? 5   DA  A N7    1 
ATOM   94  C C5    . DA  A 1 5  ? 4.085   8.390   -5.321  1.00 15.92 ? 5   DA  A C5    1 
ATOM   95  C C6    . DA  A 1 5  ? 3.008   8.302   -4.429  1.00 12.92 ? 5   DA  A C6    1 
ATOM   96  N N6    . DA  A 1 5  ? 1.866   8.955   -4.583  1.00 15.22 ? 5   DA  A N6    1 
ATOM   97  N N1    . DA  A 1 5  ? 3.147   7.505   -3.350  1.00 15.07 ? 5   DA  A N1    1 
ATOM   98  C C2    . DA  A 1 5  ? 4.297   6.858   -3.173  1.00 11.68 ? 5   DA  A C2    1 
ATOM   99  N N3    . DA  A 1 5  ? 5.382   6.856   -3.934  1.00 22.16 ? 5   DA  A N3    1 
ATOM   100 C C4    . DA  A 1 5  ? 5.212   7.643   -5.014  1.00 20.43 ? 5   DA  A C4    1 
ATOM   101 P P     . DA  A 1 6  ? 9.766   4.235   -7.735  1.00 35.38 ? 6   DA  A P     1 
ATOM   102 O OP1   . DA  A 1 6  ? 11.011  3.461   -7.550  1.00 34.90 ? 6   DA  A OP1   1 
ATOM   103 O OP2   . DA  A 1 6  ? 9.177   4.397   -9.091  1.00 34.75 ? 6   DA  A OP2   1 
ATOM   104 O "O5'" . DA  A 1 6  ? 8.655   3.616   -6.793  1.00 33.99 ? 6   DA  A "O5'" 1 
ATOM   105 C "C5'" . DA  A 1 6  ? 8.948   3.385   -5.427  1.00 26.93 ? 6   DA  A "C5'" 1 
ATOM   106 C "C4'" . DA  A 1 6  ? 7.831   2.604   -4.781  1.00 26.12 ? 6   DA  A "C4'" 1 
ATOM   107 O "O4'" . DA  A 1 6  ? 6.638   3.415   -4.743  1.00 19.95 ? 6   DA  A "O4'" 1 
ATOM   108 C "C3'" . DA  A 1 6  ? 7.440   1.300   -5.483  1.00 25.34 ? 6   DA  A "C3'" 1 
ATOM   109 O "O3'" . DA  A 1 6  ? 7.406   0.246   -4.504  1.00 24.49 ? 6   DA  A "O3'" 1 
ATOM   110 C "C2'" . DA  A 1 6  ? 6.103   1.614   -6.132  1.00 20.89 ? 6   DA  A "C2'" 1 
ATOM   111 C "C1'" . DA  A 1 6  ? 5.532   2.673   -5.217  1.00 19.72 ? 6   DA  A "C1'" 1 
ATOM   112 N N9    . DA  A 1 6  ? 4.641   3.608   -5.852  1.00 20.67 ? 6   DA  A N9    1 
ATOM   113 C C8    . DA  A 1 6  ? 4.789   4.249   -7.057  1.00 15.10 ? 6   DA  A C8    1 
ATOM   114 N N7    . DA  A 1 6  ? 3.841   5.114   -7.310  1.00 11.90 ? 6   DA  A N7    1 
ATOM   115 C C5    . DA  A 1 6  ? 3.005   5.022   -6.204  1.00 16.68 ? 6   DA  A C5    1 
ATOM   116 C C6    . DA  A 1 6  ? 1.823   5.695   -5.850  1.00 13.87 ? 6   DA  A C6    1 
ATOM   117 N N6    . DA  A 1 6  ? 1.247   6.640   -6.600  1.00 19.84 ? 6   DA  A N6    1 
ATOM   118 N N1    . DA  A 1 6  ? 1.242   5.359   -4.682  1.00 19.06 ? 6   DA  A N1    1 
ATOM   119 C C2    . DA  A 1 6  ? 1.808   4.402   -3.930  1.00 16.01 ? 6   DA  A C2    1 
ATOM   120 N N3    . DA  A 1 6  ? 2.913   3.710   -4.153  1.00 19.35 ? 6   DA  A N3    1 
ATOM   121 C C4    . DA  A 1 6  ? 3.474   4.077   -5.315  1.00 15.69 ? 6   DA  A C4    1 
ATOM   122 P P     . DT  A 1 7  ? 7.020   -1.245  -4.926  1.00 18.84 ? 7   DT  A P     1 
ATOM   123 O OP1   . DT  A 1 7  ? 7.855   -2.103  -4.064  1.00 25.63 ? 7   DT  A OP1   1 
ATOM   124 O OP2   . DT  A 1 7  ? 7.037   -1.406  -6.401  1.00 19.87 ? 7   DT  A OP2   1 
ATOM   125 O "O5'" . DT  A 1 7  ? 5.505   -1.374  -4.512  1.00 19.24 ? 7   DT  A "O5'" 1 
ATOM   126 C "C5'" . DT  A 1 7  ? 5.139   -1.055  -3.193  1.00 20.40 ? 7   DT  A "C5'" 1 
ATOM   127 C "C4'" . DT  A 1 7  ? 3.645   -0.981  -3.078  1.00 19.12 ? 7   DT  A "C4'" 1 
ATOM   128 O "O4'" . DT  A 1 7  ? 3.156   0.110   -3.885  1.00 17.61 ? 7   DT  A "O4'" 1 
ATOM   129 C "C3'" . DT  A 1 7  ? 2.943   -2.232  -3.598  1.00 21.05 ? 7   DT  A "C3'" 1 
ATOM   130 O "O3'" . DT  A 1 7  ? 2.262   -2.852  -2.526  1.00 26.85 ? 7   DT  A "O3'" 1 
ATOM   131 C "C2'" . DT  A 1 7  ? 2.036   -1.744  -4.718  1.00 17.53 ? 7   DT  A "C2'" 1 
ATOM   132 C "C1'" . DT  A 1 7  ? 1.905   -0.275  -4.413  1.00 14.41 ? 7   DT  A "C1'" 1 
ATOM   133 N N1    . DT  A 1 7  ? 1.648   0.543   -5.543  1.00 17.70 ? 7   DT  A N1    1 
ATOM   134 C C2    . DT  A 1 7  ? 0.560   1.391   -5.479  1.00 16.81 ? 7   DT  A C2    1 
ATOM   135 O O2    . DT  A 1 7  ? -0.203  1.425   -4.527  1.00 15.08 ? 7   DT  A O2    1 
ATOM   136 N N3    . DT  A 1 7  ? 0.400   2.197   -6.579  1.00 17.19 ? 7   DT  A N3    1 
ATOM   137 C C4    . DT  A 1 7  ? 1.201   2.233   -7.706  1.00 11.38 ? 7   DT  A C4    1 
ATOM   138 O O4    . DT  A 1 7  ? 0.959   3.020   -8.593  1.00 15.17 ? 7   DT  A O4    1 
ATOM   139 C C5    . DT  A 1 7  ? 2.297   1.305   -7.718  1.00 17.52 ? 7   DT  A C5    1 
ATOM   140 C C7    . DT  A 1 7  ? 3.192   1.275   -8.918  1.00 22.40 ? 7   DT  A C7    1 
ATOM   141 C C6    . DT  A 1 7  ? 2.467   0.507   -6.650  1.00 13.21 ? 7   DT  A C6    1 
ATOM   142 P P     . DT  A 1 8  ? 1.551   -4.256  -2.755  1.00 25.76 ? 8   DT  A P     1 
ATOM   143 O OP1   . DT  A 1 8  ? 1.599   -5.055  -1.510  1.00 35.25 ? 8   DT  A OP1   1 
ATOM   144 O OP2   . DT  A 1 8  ? 2.098   -4.797  -4.013  1.00 30.66 ? 8   DT  A OP2   1 
ATOM   145 O "O5'" . DT  A 1 8  ? 0.057   -3.829  -3.021  1.00 31.09 ? 8   DT  A "O5'" 1 
ATOM   146 C "C5'" . DT  A 1 8  ? -0.626  -3.102  -2.015  1.00 30.39 ? 8   DT  A "C5'" 1 
ATOM   147 C "C4'" . DT  A 1 8  ? -2.040  -2.825  -2.447  1.00 28.06 ? 8   DT  A "C4'" 1 
ATOM   148 O "O4'" . DT  A 1 8  ? -2.046  -1.825  -3.493  1.00 27.52 ? 8   DT  A "O4'" 1 
ATOM   149 C "C3'" . DT  A 1 8  ? -2.752  -4.044  -3.018  1.00 28.09 ? 8   DT  A "C3'" 1 
ATOM   150 O "O3'" . DT  A 1 8  ? -3.890  -4.340  -2.219  1.00 26.84 ? 8   DT  A "O3'" 1 
ATOM   151 C "C2'" . DT  A 1 8  ? -3.038  -3.680  -4.470  1.00 26.70 ? 8   DT  A "C2'" 1 
ATOM   152 C "C1'" . DT  A 1 8  ? -2.998  -2.165  -4.469  1.00 22.42 ? 8   DT  A "C1'" 1 
ATOM   153 N N1    . DT  A 1 8  ? -2.576  -1.535  -5.729  1.00 25.95 ? 8   DT  A N1    1 
ATOM   154 C C2    . DT  A 1 8  ? -3.268  -0.433  -6.161  1.00 25.19 ? 8   DT  A C2    1 
ATOM   155 O O2    . DT  A 1 8  ? -4.267  -0.014  -5.609  1.00 30.88 ? 8   DT  A O2    1 
ATOM   156 N N3    . DT  A 1 8  ? -2.763  0.159   -7.286  1.00 23.18 ? 8   DT  A N3    1 
ATOM   157 C C4    . DT  A 1 8  ? -1.691  -0.253  -8.035  1.00 22.76 ? 8   DT  A C4    1 
ATOM   158 O O4    . DT  A 1 8  ? -1.342  0.408   -9.010  1.00 23.80 ? 8   DT  A O4    1 
ATOM   159 C C5    . DT  A 1 8  ? -1.049  -1.467  -7.572  1.00 24.56 ? 8   DT  A C5    1 
ATOM   160 C C7    . DT  A 1 8  ? 0.070   -2.049  -8.378  1.00 20.12 ? 8   DT  A C7    1 
ATOM   161 C C6    . DT  A 1 8  ? -1.504  -2.027  -6.442  1.00 25.54 ? 8   DT  A C6    1 
ATOM   162 P P     . DC  A 1 9  ? -5.023  -5.311  -2.778  1.00 33.81 ? 9   DC  A P     1 
ATOM   163 O OP1   . DC  A 1 9  ? -5.813  -5.839  -1.637  1.00 39.64 ? 9   DC  A OP1   1 
ATOM   164 O OP2   . DC  A 1 9  ? -4.398  -6.244  -3.748  1.00 38.20 ? 9   DC  A OP2   1 
ATOM   165 O "O5'" . DC  A 1 9  ? -5.942  -4.297  -3.573  1.00 35.36 ? 9   DC  A "O5'" 1 
ATOM   166 C "C5'" . DC  A 1 9  ? -6.463  -3.166  -2.894  1.00 32.78 ? 9   DC  A "C5'" 1 
ATOM   167 C "C4'" . DC  A 1 9  ? -7.600  -2.581  -3.682  1.00 29.92 ? 9   DC  A "C4'" 1 
ATOM   168 O "O4'" . DC  A 1 9  ? -7.092  -1.871  -4.835  1.00 28.19 ? 9   DC  A "O4'" 1 
ATOM   169 C "C3'" . DC  A 1 9  ? -8.520  -3.671  -4.208  1.00 31.93 ? 9   DC  A "C3'" 1 
ATOM   170 O "O3'" . DC  A 1 9  ? -9.868  -3.402  -3.825  1.00 36.44 ? 9   DC  A "O3'" 1 
ATOM   171 C "C2'" . DC  A 1 9  ? -8.232  -3.729  -5.699  1.00 28.81 ? 9   DC  A "C2'" 1 
ATOM   172 C "C1'" . DC  A 1 9  ? -7.683  -2.352  -6.020  1.00 23.12 ? 9   DC  A "C1'" 1 
ATOM   173 N N1    . DC  A 1 9  ? -6.658  -2.337  -7.050  1.00 21.65 ? 9   DC  A N1    1 
ATOM   174 C C2    . DC  A 1 9  ? -6.704  -1.334  -8.010  1.00 23.27 ? 9   DC  A C2    1 
ATOM   175 O O2    . DC  A 1 9  ? -7.655  -0.529  -7.989  1.00 25.14 ? 9   DC  A O2    1 
ATOM   176 N N3    . DC  A 1 9  ? -5.723  -1.266  -8.945  1.00 14.69 ? 9   DC  A N3    1 
ATOM   177 C C4    . DC  A 1 9  ? -4.752  -2.178  -8.957  1.00 18.22 ? 9   DC  A C4    1 
ATOM   178 N N4    . DC  A 1 9  ? -3.815  -2.072  -9.902  1.00 26.06 ? 9   DC  A N4    1 
ATOM   179 C C5    . DC  A 1 9  ? -4.698  -3.239  -8.008  1.00 13.05 ? 9   DC  A C5    1 
ATOM   180 C C6    . DC  A 1 9  ? -5.659  -3.274  -7.075  1.00 22.16 ? 9   DC  A C6    1 
ATOM   181 P P     . DG  A 1 10 ? -11.027 -4.436  -4.215  1.00 40.65 ? 10  DG  A P     1 
ATOM   182 O OP1   . DG  A 1 10 ? -12.016 -4.475  -3.108  1.00 46.54 ? 10  DG  A OP1   1 
ATOM   183 O OP2   . DG  A 1 10 ? -10.368 -5.692  -4.669  1.00 44.29 ? 10  DG  A OP2   1 
ATOM   184 O "O5'" . DG  A 1 10 ? -11.681 -3.727  -5.477  1.00 43.90 ? 10  DG  A "O5'" 1 
ATOM   185 C "C5'" . DG  A 1 10 ? -11.984 -2.340  -5.390  1.00 43.54 ? 10  DG  A "C5'" 1 
ATOM   186 C "C4'" . DG  A 1 10 ? -12.511 -1.826  -6.701  1.00 41.21 ? 10  DG  A "C4'" 1 
ATOM   187 O "O4'" . DG  A 1 10 ? -11.459 -1.785  -7.689  1.00 42.48 ? 10  DG  A "O4'" 1 
ATOM   188 C "C3'" . DG  A 1 10 ? -13.640 -2.650  -7.295  1.00 43.41 ? 10  DG  A "C3'" 1 
ATOM   189 O "O3'" . DG  A 1 10 ? -14.743 -1.771  -7.538  1.00 44.35 ? 10  DG  A "O3'" 1 
ATOM   190 C "C2'" . DG  A 1 10 ? -13.009 -3.370  -8.481  1.00 44.11 ? 10  DG  A "C2'" 1 
ATOM   191 C "C1'" . DG  A 1 10 ? -11.789 -2.532  -8.844  1.00 39.54 ? 10  DG  A "C1'" 1 
ATOM   192 N N9    . DG  A 1 10 ? -10.596 -3.302  -9.211  1.00 36.89 ? 10  DG  A N9    1 
ATOM   193 C C8    . DG  A 1 10 ? -10.197 -4.512  -8.700  1.00 36.27 ? 10  DG  A C8    1 
ATOM   194 N N7    . DG  A 1 10 ? -9.049  -4.918  -9.180  1.00 32.62 ? 10  DG  A N7    1 
ATOM   195 C C5    . DG  A 1 10 ? -8.674  -3.919  -10.067 1.00 32.70 ? 10  DG  A C5    1 
ATOM   196 C C6    . DG  A 1 10 ? -7.508  -3.788  -10.871 1.00 37.47 ? 10  DG  A C6    1 
ATOM   197 O O6    . DG  A 1 10 ? -6.522  -4.548  -10.947 1.00 42.41 ? 10  DG  A O6    1 
ATOM   198 N N1    . DG  A 1 10 ? -7.540  -2.624  -11.638 1.00 32.81 ? 10  DG  A N1    1 
ATOM   199 C C2    . DG  A 1 10 ? -8.545  -1.702  -11.625 1.00 28.58 ? 10  DG  A C2    1 
ATOM   200 N N2    . DG  A 1 10 ? -8.391  -0.656  -12.441 1.00 25.92 ? 10  DG  A N2    1 
ATOM   201 N N3    . DG  A 1 10 ? -9.624  -1.796  -10.867 1.00 35.50 ? 10  DG  A N3    1 
ATOM   202 C C4    . DG  A 1 10 ? -9.624  -2.925  -10.118 1.00 36.54 ? 10  DG  A C4    1 
ATOM   203 P P     . DC  A 1 11 ? -15.693 -1.990  -8.798  1.00 41.17 ? 11  DC  A P     1 
ATOM   204 O OP1   . DC  A 1 11 ? -16.950 -1.248  -8.563  1.00 50.95 ? 11  DC  A OP1   1 
ATOM   205 O OP2   . DC  A 1 11 ? -15.735 -3.428  -9.150  1.00 39.23 ? 11  DC  A OP2   1 
ATOM   206 O "O5'" . DC  A 1 11 ? -14.917 -1.181  -9.907  1.00 48.81 ? 11  DC  A "O5'" 1 
ATOM   207 C "C5'" . DC  A 1 11 ? -14.553 0.165   -9.645  1.00 44.14 ? 11  DC  A "C5'" 1 
ATOM   208 C "C4'" . DC  A 1 11 ? -14.292 0.886   -10.942 1.00 40.48 ? 11  DC  A "C4'" 1 
ATOM   209 O "O4'" . DC  A 1 11 ? -13.224 0.218   -11.646 1.00 34.07 ? 11  DC  A "O4'" 1 
ATOM   210 C "C3'" . DC  A 1 11 ? -15.477 0.886   -11.894 1.00 36.29 ? 11  DC  A "C3'" 1 
ATOM   211 O "O3'" . DC  A 1 11 ? -15.451 2.127   -12.599 1.00 39.52 ? 11  DC  A "O3'" 1 
ATOM   212 C "C2'" . DC  A 1 11 ? -15.235 -0.344  -12.755 1.00 29.27 ? 11  DC  A "C2'" 1 
ATOM   213 C "C1'" . DC  A 1 11 ? -13.715 -0.430  -12.810 1.00 32.04 ? 11  DC  A "C1'" 1 
ATOM   214 N N1    . DC  A 1 11 ? -13.148 -1.763  -12.810 1.00 25.99 ? 11  DC  A N1    1 
ATOM   215 C C2    . DC  A 1 11 ? -11.984 -1.981  -13.523 1.00 21.41 ? 11  DC  A C2    1 
ATOM   216 O O2    . DC  A 1 11 ? -11.563 -1.084  -14.254 1.00 19.64 ? 11  DC  A O2    1 
ATOM   217 N N3    . DC  A 1 11 ? -11.343 -3.166  -13.402 1.00 22.75 ? 11  DC  A N3    1 
ATOM   218 C C4    . DC  A 1 11 ? -11.853 -4.118  -12.618 1.00 27.54 ? 11  DC  A C4    1 
ATOM   219 N N4    . DC  A 1 11 ? -11.155 -5.237  -12.460 1.00 28.44 ? 11  DC  A N4    1 
ATOM   220 C C5    . DC  A 1 11 ? -13.095 -3.952  -11.944 1.00 28.08 ? 11  DC  A C5    1 
ATOM   221 C C6    . DC  A 1 11 ? -13.707 -2.767  -12.071 1.00 29.63 ? 11  DC  A C6    1 
ATOM   222 P P     . DG  A 1 12 ? -16.536 2.429   -13.734 1.00 46.83 ? 12  DG  A P     1 
ATOM   223 O OP1   . DG  A 1 12 ? -16.591 3.910   -13.926 1.00 41.86 ? 12  DG  A OP1   1 
ATOM   224 O OP2   . DG  A 1 12 ? -17.773 1.677   -13.414 1.00 43.44 ? 12  DG  A OP2   1 
ATOM   225 O "O5'" . DG  A 1 12 ? -15.930 1.701   -15.022 1.00 49.04 ? 12  DG  A "O5'" 1 
ATOM   226 C "C5'" . DG  A 1 12 ? -14.948 2.342   -15.847 1.00 45.39 ? 12  DG  A "C5'" 1 
ATOM   227 C "C4'" . DG  A 1 12 ? -14.822 1.628   -17.175 1.00 43.00 ? 12  DG  A "C4'" 1 
ATOM   228 O "O4'" . DG  A 1 12 ? -14.121 0.377   -16.979 1.00 42.10 ? 12  DG  A "O4'" 1 
ATOM   229 C "C3'" . DG  A 1 12 ? -16.142 1.279   -17.883 1.00 41.04 ? 12  DG  A "C3'" 1 
ATOM   230 O "O3'" . DG  A 1 12 ? -16.055 1.523   -19.294 1.00 44.53 ? 12  DG  A "O3'" 1 
ATOM   231 C "C2'" . DG  A 1 12 ? -16.271 -0.219  -17.674 1.00 40.50 ? 12  DG  A "C2'" 1 
ATOM   232 C "C1'" . DG  A 1 12 ? -14.819 -0.663  -17.641 1.00 40.31 ? 12  DG  A "C1'" 1 
ATOM   233 N N9    . DG  A 1 12 ? -14.620 -1.868  -16.881 1.00 36.54 ? 12  DG  A N9    1 
ATOM   234 C C8    . DG  A 1 12 ? -15.401 -2.301  -15.842 1.00 36.13 ? 12  DG  A C8    1 
ATOM   235 N N7    . DG  A 1 12 ? -14.988 -3.424  -15.328 1.00 40.05 ? 12  DG  A N7    1 
ATOM   236 C C5    . DG  A 1 12 ? -13.863 -3.755  -16.075 1.00 33.51 ? 12  DG  A C5    1 
ATOM   237 C C6    . DG  A 1 12 ? -12.990 -4.869  -15.972 1.00 28.29 ? 12  DG  A C6    1 
ATOM   238 O O6    . DG  A 1 12 ? -13.036 -5.806  -15.177 1.00 30.37 ? 12  DG  A O6    1 
ATOM   239 N N1    . DG  A 1 12 ? -11.979 -4.817  -16.920 1.00 25.06 ? 12  DG  A N1    1 
ATOM   240 C C2    . DG  A 1 12 ? -11.822 -3.821  -17.844 1.00 25.82 ? 12  DG  A C2    1 
ATOM   241 N N2    . DG  A 1 12 ? -10.788 -3.957  -18.665 1.00 28.75 ? 12  DG  A N2    1 
ATOM   242 N N3    . DG  A 1 12 ? -12.624 -2.769  -17.953 1.00 32.08 ? 12  DG  A N3    1 
ATOM   243 C C4    . DG  A 1 12 ? -13.622 -2.805  -17.040 1.00 34.12 ? 12  DG  A C4    1 
ATOM   244 O "O5'" . DC  B 1 1  ? -7.280  -11.370 -16.828 1.00 65.41 ? 13  DC  B "O5'" 1 
ATOM   245 C "C5'" . DC  B 1 1  ? -6.753  -11.589 -18.144 1.00 55.64 ? 13  DC  B "C5'" 1 
ATOM   246 C "C4'" . DC  B 1 1  ? -6.500  -10.305 -18.900 1.00 49.15 ? 13  DC  B "C4'" 1 
ATOM   247 O "O4'" . DC  B 1 1  ? -7.719  -9.530  -18.946 1.00 43.06 ? 13  DC  B "O4'" 1 
ATOM   248 C "C3'" . DC  B 1 1  ? -5.429  -9.384  -18.317 1.00 45.35 ? 13  DC  B "C3'" 1 
ATOM   249 O "O3'" . DC  B 1 1  ? -4.599  -8.902  -19.392 1.00 50.12 ? 13  DC  B "O3'" 1 
ATOM   250 C "C2'" . DC  B 1 1  ? -6.220  -8.340  -17.549 1.00 40.14 ? 13  DC  B "C2'" 1 
ATOM   251 C "C1'" . DC  B 1 1  ? -7.582  -8.310  -18.235 1.00 42.51 ? 13  DC  B "C1'" 1 
ATOM   252 N N1    . DC  B 1 1  ? -8.740  -8.210  -17.333 1.00 35.94 ? 13  DC  B N1    1 
ATOM   253 C C2    . DC  B 1 1  ? -9.457  -7.009  -17.268 1.00 35.53 ? 13  DC  B C2    1 
ATOM   254 O O2    . DC  B 1 1  ? -9.037  -6.022  -17.889 1.00 34.29 ? 13  DC  B O2    1 
ATOM   255 N N3    . DC  B 1 1  ? -10.589 -6.954  -16.518 1.00 32.14 ? 13  DC  B N3    1 
ATOM   256 C C4    . DC  B 1 1  ? -10.988 -8.033  -15.836 1.00 35.13 ? 13  DC  B C4    1 
ATOM   257 N N4    . DC  B 1 1  ? -12.122 -7.956  -15.138 1.00 25.70 ? 13  DC  B N4    1 
ATOM   258 C C5    . DC  B 1 1  ? -10.242 -9.250  -15.846 1.00 35.21 ? 13  DC  B C5    1 
ATOM   259 C C6    . DC  B 1 1  ? -9.136  -9.291  -16.598 1.00 36.44 ? 13  DC  B C6    1 
ATOM   260 P P     . DG  B 1 2  ? -3.283  -8.006  -19.097 1.00 49.84 ? 14  DG  B P     1 
ATOM   261 O OP1   . DG  B 1 2  ? -2.282  -8.262  -20.164 1.00 54.43 ? 14  DG  B OP1   1 
ATOM   262 O OP2   . DG  B 1 2  ? -2.874  -8.119  -17.674 1.00 53.55 ? 14  DG  B OP2   1 
ATOM   263 O "O5'" . DG  B 1 2  ? -3.825  -6.523  -19.279 1.00 49.04 ? 14  DG  B "O5'" 1 
ATOM   264 C "C5'" . DG  B 1 2  ? -4.348  -6.100  -20.536 1.00 37.48 ? 14  DG  B "C5'" 1 
ATOM   265 C "C4'" . DG  B 1 2  ? -4.738  -4.647  -20.465 1.00 32.19 ? 14  DG  B "C4'" 1 
ATOM   266 O "O4'" . DG  B 1 2  ? -5.883  -4.505  -19.587 1.00 29.67 ? 14  DG  B "O4'" 1 
ATOM   267 C "C3'" . DG  B 1 2  ? -3.630  -3.762  -19.894 1.00 33.12 ? 14  DG  B "C3'" 1 
ATOM   268 O "O3'" . DG  B 1 2  ? -3.398  -2.600  -20.707 1.00 34.49 ? 14  DG  B "O3'" 1 
ATOM   269 C "C2'" . DG  B 1 2  ? -4.077  -3.454  -18.476 1.00 30.52 ? 14  DG  B "C2'" 1 
ATOM   270 C "C1'" . DG  B 1 2  ? -5.588  -3.633  -18.497 1.00 30.45 ? 14  DG  B "C1'" 1 
ATOM   271 N N9    . DG  B 1 2  ? -6.085  -4.263  -17.261 1.00 27.82 ? 14  DG  B N9    1 
ATOM   272 C C8    . DG  B 1 2  ? -5.562  -5.364  -16.643 1.00 21.54 ? 14  DG  B C8    1 
ATOM   273 N N7    . DG  B 1 2  ? -6.200  -5.695  -15.557 1.00 24.30 ? 14  DG  B N7    1 
ATOM   274 C C5    . DG  B 1 2  ? -7.209  -4.754  -15.448 1.00 23.61 ? 14  DG  B C5    1 
ATOM   275 C C6    . DG  B 1 2  ? -8.222  -4.609  -14.472 1.00 22.60 ? 14  DG  B C6    1 
ATOM   276 O O6    . DG  B 1 2  ? -8.434  -5.304  -13.481 1.00 25.58 ? 14  DG  B O6    1 
ATOM   277 N N1    . DG  B 1 2  ? -9.045  -3.522  -14.740 1.00 25.45 ? 14  DG  B N1    1 
ATOM   278 C C2    . DG  B 1 2  ? -8.909  -2.678  -15.812 1.00 29.20 ? 14  DG  B C2    1 
ATOM   279 N N2    . DG  B 1 2  ? -9.795  -1.675  -15.910 1.00 25.43 ? 14  DG  B N2    1 
ATOM   280 N N3    . DG  B 1 2  ? -7.967  -2.806  -16.731 1.00 32.85 ? 14  DG  B N3    1 
ATOM   281 C C4    . DG  B 1 2  ? -7.157  -3.862  -16.488 1.00 27.71 ? 14  DG  B C4    1 
ATOM   282 P P     . DC  B 1 3  ? -2.459  -1.417  -20.159 1.00 31.09 ? 15  DC  B P     1 
ATOM   283 O OP1   . DC  B 1 3  ? -2.117  -0.478  -21.258 1.00 37.24 ? 15  DC  B OP1   1 
ATOM   284 O OP2   . DC  B 1 3  ? -1.395  -1.983  -19.297 1.00 33.13 ? 15  DC  B OP2   1 
ATOM   285 O "O5'" . DC  B 1 3  ? -3.438  -0.633  -19.206 1.00 34.15 ? 15  DC  B "O5'" 1 
ATOM   286 C "C5'" . DC  B 1 3  ? -4.563  -0.008  -19.768 1.00 30.34 ? 15  DC  B "C5'" 1 
ATOM   287 C "C4'" . DC  B 1 3  ? -5.204  0.886   -18.750 1.00 25.96 ? 15  DC  B "C4'" 1 
ATOM   288 O "O4'" . DC  B 1 3  ? -5.711  0.035   -17.710 1.00 27.28 ? 15  DC  B "O4'" 1 
ATOM   289 C "C3'" . DC  B 1 3  ? -4.239  1.861   -18.087 1.00 24.58 ? 15  DC  B "C3'" 1 
ATOM   290 O "O3'" . DC  B 1 3  ? -4.620  3.184   -18.439 1.00 25.85 ? 15  DC  B "O3'" 1 
ATOM   291 C "C2'" . DC  B 1 3  ? -4.243  1.493   -16.612 1.00 25.72 ? 15  DC  B "C2'" 1 
ATOM   292 C "C1'" . DC  B 1 3  ? -5.428  0.562   -16.438 1.00 21.26 ? 15  DC  B "C1'" 1 
ATOM   293 N N1    . DC  B 1 3  ? -5.129  -0.562  -15.600 1.00 19.00 ? 15  DC  B N1    1 
ATOM   294 C C2    . DC  B 1 3  ? -6.002  -0.870  -14.584 1.00 14.06 ? 15  DC  B C2    1 
ATOM   295 O O2    . DC  B 1 3  ? -7.022  -0.193  -14.456 1.00 15.58 ? 15  DC  B O2    1 
ATOM   296 N N3    . DC  B 1 3  ? -5.729  -1.904  -13.764 1.00 12.26 ? 15  DC  B N3    1 
ATOM   297 C C4    . DC  B 1 3  ? -4.629  -2.626  -13.946 1.00 11.99 ? 15  DC  B C4    1 
ATOM   298 N N4    . DC  B 1 3  ? -4.407  -3.630  -13.096 1.00 18.92 ? 15  DC  B N4    1 
ATOM   299 C C5    . DC  B 1 3  ? -3.713  -2.349  -15.004 1.00 12.99 ? 15  DC  B C5    1 
ATOM   300 C C6    . DC  B 1 3  ? -4.002  -1.316  -15.806 1.00 16.47 ? 15  DC  B C6    1 
ATOM   301 P P     . DG  B 1 4  ? -3.691  4.431   -18.045 1.00 26.62 ? 16  DG  B P     1 
ATOM   302 O OP1   . DG  B 1 4  ? -3.573  5.280   -19.253 1.00 32.03 ? 16  DG  B OP1   1 
ATOM   303 O OP2   . DG  B 1 4  ? -2.472  3.966   -17.345 1.00 30.02 ? 16  DG  B OP2   1 
ATOM   304 O "O5'" . DG  B 1 4  ? -4.581  5.173   -16.971 1.00 28.36 ? 16  DG  B "O5'" 1 
ATOM   305 C "C5'" . DG  B 1 4  ? -5.938  5.437   -17.281 1.00 24.65 ? 16  DG  B "C5'" 1 
ATOM   306 C "C4'" . DG  B 1 4  ? -6.737  5.562   -16.011 1.00 27.89 ? 16  DG  B "C4'" 1 
ATOM   307 O "O4'" . DG  B 1 4  ? -6.635  4.323   -15.268 1.00 22.78 ? 16  DG  B "O4'" 1 
ATOM   308 C "C3'" . DG  B 1 4  ? -6.244  6.663   -15.079 1.00 27.69 ? 16  DG  B "C3'" 1 
ATOM   309 O "O3'" . DG  B 1 4  ? -7.342  7.494   -14.726 1.00 32.64 ? 16  DG  B "O3'" 1 
ATOM   310 C "C2'" . DG  B 1 4  ? -5.610  5.929   -13.906 1.00 26.93 ? 16  DG  B "C2'" 1 
ATOM   311 C "C1'" . DG  B 1 4  ? -6.256  4.555   -13.924 1.00 19.28 ? 16  DG  B "C1'" 1 
ATOM   312 N N9    . DG  B 1 4  ? -5.344  3.491   -13.550 1.00 17.49 ? 16  DG  B N9    1 
ATOM   313 C C8    . DG  B 1 4  ? -4.108  3.248   -14.081 1.00 14.78 ? 16  DG  B C8    1 
ATOM   314 N N7    . DG  B 1 4  ? -3.521  2.210   -13.563 1.00 14.93 ? 16  DG  B N7    1 
ATOM   315 C C5    . DG  B 1 4  ? -4.431  1.737   -12.633 1.00 14.18 ? 16  DG  B C5    1 
ATOM   316 C C6    . DG  B 1 4  ? -4.360  0.609   -11.767 1.00 18.92 ? 16  DG  B C6    1 
ATOM   317 O O6    . DG  B 1 4  ? -3.443  -0.231  -11.654 1.00 20.48 ? 16  DG  B O6    1 
ATOM   318 N N1    . DG  B 1 4  ? -5.509  0.492   -10.992 1.00 18.11 ? 16  DG  B N1    1 
ATOM   319 C C2    . DG  B 1 4  ? -6.597  1.341   -11.060 1.00 21.18 ? 16  DG  B C2    1 
ATOM   320 N N2    . DG  B 1 4  ? -7.630  1.052   -10.257 1.00 24.55 ? 16  DG  B N2    1 
ATOM   321 N N3    . DG  B 1 4  ? -6.668  2.392   -11.859 1.00 20.16 ? 16  DG  B N3    1 
ATOM   322 C C4    . DG  B 1 4  ? -5.560  2.526   -12.611 1.00 16.32 ? 16  DG  B C4    1 
ATOM   323 P P     . DA  B 1 5  ? -7.200  8.508   -13.507 1.00 38.48 ? 17  DA  B P     1 
ATOM   324 O OP1   . DA  B 1 5  ? -8.148  9.643   -13.657 1.00 36.00 ? 17  DA  B OP1   1 
ATOM   325 O OP2   . DA  B 1 5  ? -5.746  8.761   -13.313 1.00 39.17 ? 17  DA  B OP2   1 
ATOM   326 O "O5'" . DA  B 1 5  ? -7.672  7.624   -12.282 1.00 38.67 ? 17  DA  B "O5'" 1 
ATOM   327 C "C5'" . DA  B 1 5  ? -8.978  7.063   -12.268 1.00 38.07 ? 17  DA  B "C5'" 1 
ATOM   328 C "C4'" . DA  B 1 5  ? -9.339  6.695   -10.855 1.00 35.98 ? 17  DA  B "C4'" 1 
ATOM   329 O "O4'" . DA  B 1 5  ? -8.561  5.544   -10.441 1.00 32.79 ? 17  DA  B "O4'" 1 
ATOM   330 C "C3'" . DA  B 1 5  ? -8.981  7.820   -9.892  1.00 36.36 ? 17  DA  B "C3'" 1 
ATOM   331 O "O3'" . DA  B 1 5  ? -10.018 8.013   -8.934  1.00 45.24 ? 17  DA  B "O3'" 1 
ATOM   332 C "C2'" . DA  B 1 5  ? -7.654  7.394   -9.296  1.00 32.03 ? 17  DA  B "C2'" 1 
ATOM   333 C "C1'" . DA  B 1 5  ? -7.651  5.878   -9.410  1.00 25.99 ? 17  DA  B "C1'" 1 
ATOM   334 N N9    . DA  B 1 5  ? -6.319  5.364   -9.788  1.00 23.76 ? 17  DA  B N9    1 
ATOM   335 C C8    . DA  B 1 5  ? -5.463  5.856   -10.747 1.00 21.76 ? 17  DA  B C8    1 
ATOM   336 N N7    . DA  B 1 5  ? -4.314  5.234   -10.799 1.00 19.14 ? 17  DA  B N7    1 
ATOM   337 C C5    . DA  B 1 5  ? -4.422  4.252   -9.822  1.00 16.53 ? 17  DA  B C5    1 
ATOM   338 C C6    . DA  B 1 5  ? -3.531  3.272   -9.363  1.00 12.11 ? 17  DA  B C6    1 
ATOM   339 N N6    . DA  B 1 5  ? -2.316  3.070   -9.862  1.00 7.93  ? 17  DA  B N6    1 
ATOM   340 N N1    . DA  B 1 5  ? -3.943  2.477   -8.355  1.00 17.83 ? 17  DA  B N1    1 
ATOM   341 C C2    . DA  B 1 5  ? -5.180  2.643   -7.869  1.00 18.56 ? 17  DA  B C2    1 
ATOM   342 N N3    . DA  B 1 5  ? -6.111  3.512   -8.226  1.00 17.47 ? 17  DA  B N3    1 
ATOM   343 C C4    . DA  B 1 5  ? -5.661  4.307   -9.210  1.00 18.82 ? 17  DA  B C4    1 
ATOM   344 P P     . DA  B 1 6  ? -9.722  8.830   -7.593  1.00 46.11 ? 18  DA  B P     1 
ATOM   345 O OP1   . DA  B 1 6  ? -11.055 9.185   -7.043  1.00 47.86 ? 18  DA  B OP1   1 
ATOM   346 O OP2   . DA  B 1 6  ? -8.710  9.889   -7.849  1.00 44.77 ? 18  DA  B OP2   1 
ATOM   347 O "O5'" . DA  B 1 6  ? -9.045  7.729   -6.667  1.00 48.14 ? 18  DA  B "O5'" 1 
ATOM   348 C "C5'" . DA  B 1 6  ? -9.775  6.548   -6.332  1.00 46.06 ? 18  DA  B "C5'" 1 
ATOM   349 C "C4'" . DA  B 1 6  ? -9.072  5.788   -5.233  1.00 41.04 ? 18  DA  B "C4'" 1 
ATOM   350 O "O4'" . DA  B 1 6  ? -7.839  5.252   -5.755  1.00 38.91 ? 18  DA  B "O4'" 1 
ATOM   351 C "C3'" . DA  B 1 6  ? -8.692  6.634   -4.020  1.00 39.37 ? 18  DA  B "C3'" 1 
ATOM   352 O "O3'" . DA  B 1 6  ? -9.090  5.989   -2.812  1.00 41.40 ? 18  DA  B "O3'" 1 
ATOM   353 C "C2'" . DA  B 1 6  ? -7.193  6.830   -4.145  1.00 32.40 ? 18  DA  B "C2'" 1 
ATOM   354 C "C1'" . DA  B 1 6  ? -6.745  5.628   -4.941  1.00 30.62 ? 18  DA  B "C1'" 1 
ATOM   355 N N9    . DA  B 1 6  ? -5.614  5.912   -5.818  1.00 23.38 ? 18  DA  B N9    1 
ATOM   356 C C8    . DA  B 1 6  ? -5.433  6.971   -6.679  1.00 16.91 ? 18  DA  B C8    1 
ATOM   357 N N7    . DA  B 1 6  ? -4.270  6.966   -7.285  1.00 15.88 ? 18  DA  B N7    1 
ATOM   358 C C5    . DA  B 1 6  ? -3.654  5.811   -6.815  1.00 19.42 ? 18  DA  B C5    1 
ATOM   359 C C6    . DA  B 1 6  ? -2.391  5.224   -7.070  1.00 18.55 ? 18  DA  B C6    1 
ATOM   360 N N6    . DA  B 1 6  ? -1.484  5.720   -7.933  1.00 17.57 ? 18  DA  B N6    1 
ATOM   361 N N1    . DA  B 1 6  ? -2.085  4.092   -6.400  1.00 15.64 ? 18  DA  B N1    1 
ATOM   362 C C2    . DA  B 1 6  ? -2.989  3.574   -5.554  1.00 16.56 ? 18  DA  B C2    1 
ATOM   363 N N3    . DA  B 1 6  ? -4.208  4.012   -5.245  1.00 20.82 ? 18  DA  B N3    1 
ATOM   364 C C4    . DA  B 1 6  ? -4.479  5.151   -5.913  1.00 21.92 ? 18  DA  B C4    1 
ATOM   365 P P     . DT  B 1 7  ? -8.673  6.619   -1.395  1.00 44.19 ? 19  DT  B P     1 
ATOM   366 O OP1   . DT  B 1 7  ? -9.713  6.216   -0.416  1.00 41.90 ? 19  DT  B OP1   1 
ATOM   367 O OP2   . DT  B 1 7  ? -8.353  8.058   -1.589  1.00 44.50 ? 19  DT  B OP2   1 
ATOM   368 O "O5'" . DT  B 1 7  ? -7.301  5.876   -1.079  1.00 39.84 ? 19  DT  B "O5'" 1 
ATOM   369 C "C5'" . DT  B 1 7  ? -7.276  4.457   -1.087  1.00 34.84 ? 19  DT  B "C5'" 1 
ATOM   370 C "C4'" . DT  B 1 7  ? -5.923  3.944   -0.671  1.00 29.64 ? 19  DT  B "C4'" 1 
ATOM   371 O "O4'" . DT  B 1 7  ? -4.966  4.186   -1.726  1.00 26.22 ? 19  DT  B "O4'" 1 
ATOM   372 C "C3'" . DT  B 1 7  ? -5.355  4.583   0.591   1.00 29.38 ? 19  DT  B "C3'" 1 
ATOM   373 O "O3'" . DT  B 1 7  ? -5.071  3.572   1.558   1.00 32.25 ? 19  DT  B "O3'" 1 
ATOM   374 C "C2'" . DT  B 1 7  ? -4.116  5.322   0.114   1.00 27.47 ? 19  DT  B "C2'" 1 
ATOM   375 C "C1'" . DT  B 1 7  ? -3.746  4.609   -1.170  1.00 24.74 ? 19  DT  B "C1'" 1 
ATOM   376 N N1    . DT  B 1 7  ? -3.087  5.481   -2.151  1.00 22.97 ? 19  DT  B N1    1 
ATOM   377 C C2    . DT  B 1 7  ? -1.874  5.092   -2.674  1.00 22.33 ? 19  DT  B C2    1 
ATOM   378 O O2    . DT  B 1 7  ? -1.334  4.032   -2.405  1.00 21.83 ? 19  DT  B O2    1 
ATOM   379 N N3    . DT  B 1 7  ? -1.311  5.997   -3.544  1.00 22.86 ? 19  DT  B N3    1 
ATOM   380 C C4    . DT  B 1 7  ? -1.830  7.216   -3.939  1.00 18.83 ? 19  DT  B C4    1 
ATOM   381 O O4    . DT  B 1 7  ? -1.193  7.925   -4.705  1.00 15.99 ? 19  DT  B O4    1 
ATOM   382 C C5    . DT  B 1 7  ? -3.118  7.544   -3.377  1.00 17.69 ? 19  DT  B C5    1 
ATOM   383 C C7    . DT  B 1 7  ? -3.773  8.829   -3.763  1.00 22.39 ? 19  DT  B C7    1 
ATOM   384 C C6    . DT  B 1 7  ? -3.676  6.673   -2.524  1.00 23.00 ? 19  DT  B C6    1 
ATOM   385 P P     . DT  B 1 8  ? -4.384  3.965   2.957   1.00 28.80 ? 20  DT  B P     1 
ATOM   386 O OP1   . DT  B 1 8  ? -4.734  2.887   3.913   1.00 34.11 ? 20  DT  B OP1   1 
ATOM   387 O OP2   . DT  B 1 8  ? -4.690  5.377   3.288   1.00 38.60 ? 20  DT  B OP2   1 
ATOM   388 O "O5'" . DT  B 1 8  ? -2.831  3.912   2.638   1.00 30.62 ? 20  DT  B "O5'" 1 
ATOM   389 C "C5'" . DT  B 1 8  ? -2.252  2.692   2.197   1.00 20.53 ? 20  DT  B "C5'" 1 
ATOM   390 C "C4'" . DT  B 1 8  ? -0.750  2.802   2.150   1.00 15.69 ? 20  DT  B "C4'" 1 
ATOM   391 O "O4'" . DT  B 1 8  ? -0.340  3.587   1.019   1.00 16.46 ? 20  DT  B "O4'" 1 
ATOM   392 C "C3'" . DT  B 1 8  ? -0.067  3.416   3.369   1.00 16.06 ? 20  DT  B "C3'" 1 
ATOM   393 O "O3'" . DT  B 1 8  ? 0.851   2.465   3.885   1.00 25.13 ? 20  DT  B "O3'" 1 
ATOM   394 C "C2'" . DT  B 1 8  ? 0.612   4.671   2.848   1.00 17.95 ? 20  DT  B "C2'" 1 
ATOM   395 C "C1'" . DT  B 1 8  ? 0.791   4.364   1.373   1.00 18.44 ? 20  DT  B "C1'" 1 
ATOM   396 N N1    . DT  B 1 8  ? 0.779   5.512   0.523   1.00 12.96 ? 20  DT  B N1    1 
ATOM   397 C C2    . DT  B 1 8  ? 1.747   5.649   -0.417  1.00 11.65 ? 20  DT  B C2    1 
ATOM   398 O O2    . DT  B 1 8  ? 2.701   4.901   -0.508  1.00 16.95 ? 20  DT  B O2    1 
ATOM   399 N N3    . DT  B 1 8  ? 1.567   6.708   -1.259  1.00 19.89 ? 20  DT  B N3    1 
ATOM   400 C C4    . DT  B 1 8  ? 0.538   7.637   -1.229  1.00 17.57 ? 20  DT  B C4    1 
ATOM   401 O O4    . DT  B 1 8  ? 0.485   8.510   -2.081  1.00 21.84 ? 20  DT  B O4    1 
ATOM   402 C C5    . DT  B 1 8  ? -0.406  7.467   -0.169  1.00 15.58 ? 20  DT  B C5    1 
ATOM   403 C C7    . DT  B 1 8  ? -1.525  8.452   -0.008  1.00 17.67 ? 20  DT  B C7    1 
ATOM   404 C C6    . DT  B 1 8  ? -0.240  6.425   0.644   1.00 18.11 ? 20  DT  B C6    1 
ATOM   405 P P     . DC  B 1 9  ? 1.793   2.855   5.111   1.00 32.22 ? 21  DC  B P     1 
ATOM   406 O OP1   . DC  B 1 9  ? 2.088   1.633   5.898   1.00 32.11 ? 21  DC  B OP1   1 
ATOM   407 O OP2   . DC  B 1 9  ? 1.199   4.046   5.784   1.00 32.16 ? 21  DC  B OP2   1 
ATOM   408 O "O5'" . DC  B 1 9  ? 3.109   3.329   4.365   1.00 28.06 ? 21  DC  B "O5'" 1 
ATOM   409 C "C5'" . DC  B 1 9  ? 3.750   2.465   3.442   1.00 23.88 ? 21  DC  B "C5'" 1 
ATOM   410 C "C4'" . DC  B 1 9  ? 5.020   3.107   2.952   1.00 22.47 ? 21  DC  B "C4'" 1 
ATOM   411 O "O4'" . DC  B 1 9  ? 4.699   4.211   2.072   1.00 20.85 ? 21  DC  B "O4'" 1 
ATOM   412 C "C3'" . DC  B 1 9  ? 5.860   3.690   4.086   1.00 25.65 ? 21  DC  B "C3'" 1 
ATOM   413 O "O3'" . DC  B 1 9  ? 7.139   3.064   4.136   1.00 27.86 ? 21  DC  B "O3'" 1 
ATOM   414 C "C2'" . DC  B 1 9  ? 5.884   5.196   3.839   1.00 20.66 ? 21  DC  B "C2'" 1 
ATOM   415 C "C1'" . DC  B 1 9  ? 5.496   5.347   2.376   1.00 21.61 ? 21  DC  B "C1'" 1 
ATOM   416 N N1    . DC  B 1 9  ? 4.681   6.552   2.056   1.00 21.22 ? 21  DC  B N1    1 
ATOM   417 C C2    . DC  B 1 9  ? 5.042   7.383   0.962   1.00 18.62 ? 21  DC  B C2    1 
ATOM   418 O O2    . DC  B 1 9  ? 6.124   7.194   0.371   1.00 18.21 ? 21  DC  B O2    1 
ATOM   419 N N3    . DC  B 1 9  ? 4.206   8.383   0.599   1.00 16.20 ? 21  DC  B N3    1 
ATOM   420 C C4    . DC  B 1 9  ? 3.083   8.597   1.293   1.00 14.67 ? 21  DC  B C4    1 
ATOM   421 N N4    . DC  B 1 9  ? 2.270   9.557   0.880   1.00 19.10 ? 21  DC  B N4    1 
ATOM   422 C C5    . DC  B 1 9  ? 2.739   7.826   2.438   1.00 14.84 ? 21  DC  B C5    1 
ATOM   423 C C6    . DC  B 1 9  ? 3.558   6.828   2.785   1.00 20.01 ? 21  DC  B C6    1 
ATOM   424 P P     . DG  B 1 10 ? 8.153   3.452   5.301   1.00 29.24 ? 22  DG  B P     1 
ATOM   425 O OP1   . DG  B 1 10 ? 9.293   2.513   5.341   1.00 28.09 ? 22  DG  B OP1   1 
ATOM   426 O OP2   . DG  B 1 10 ? 7.321   3.672   6.510   1.00 29.80 ? 22  DG  B OP2   1 
ATOM   427 O "O5'" . DG  B 1 10 ? 8.750   4.794   4.714   1.00 32.41 ? 22  DG  B "O5'" 1 
ATOM   428 C "C5'" . DG  B 1 10 ? 9.298   4.734   3.412   1.00 30.74 ? 22  DG  B "C5'" 1 
ATOM   429 C "C4'" . DG  B 1 10 ? 10.038  5.998   3.072   1.00 26.74 ? 22  DG  B "C4'" 1 
ATOM   430 O "O4'" . DG  B 1 10 ? 9.163   7.057   2.646   1.00 27.56 ? 22  DG  B "O4'" 1 
ATOM   431 C "C3'" . DG  B 1 10 ? 10.935  6.570   4.151   1.00 26.92 ? 22  DG  B "C3'" 1 
ATOM   432 O "O3'" . DG  B 1 10 ? 12.212  6.653   3.540   1.00 34.80 ? 22  DG  B "O3'" 1 
ATOM   433 C "C2'" . DG  B 1 10 ? 10.256  7.867   4.565   1.00 28.21 ? 22  DG  B "C2'" 1 
ATOM   434 C "C1'" . DG  B 1 10 ? 9.440   8.261   3.341   1.00 25.91 ? 22  DG  B "C1'" 1 
ATOM   435 N N9    . DG  B 1 10 ? 8.152   8.912   3.569   1.00 23.28 ? 22  DG  B N9    1 
ATOM   436 C C8    . DG  B 1 10 ? 7.255   8.686   4.587   1.00 21.02 ? 22  DG  B C8    1 
ATOM   437 N N7    . DG  B 1 10 ? 6.125   9.319   4.420   1.00 19.28 ? 22  DG  B N7    1 
ATOM   438 C C5    . DG  B 1 10 ? 6.304   10.030  3.238   1.00 20.44 ? 22  DG  B C5    1 
ATOM   439 C C6    . DG  B 1 10 ? 5.432   10.895  2.539   1.00 19.84 ? 22  DG  B C6    1 
ATOM   440 O O6    . DG  B 1 10 ? 4.276   11.212  2.821   1.00 18.97 ? 22  DG  B O6    1 
ATOM   441 N N1    . DG  B 1 10 ? 6.032   11.411  1.393   1.00 12.81 ? 22  DG  B N1    1 
ATOM   442 C C2    . DG  B 1 10 ? 7.297   11.140  0.987   1.00 11.14 ? 22  DG  B C2    1 
ATOM   443 N N2    . DG  B 1 10 ? 7.703   11.748  -0.129  1.00 18.00 ? 22  DG  B N2    1 
ATOM   444 N N3    . DG  B 1 10 ? 8.115   10.339  1.619   1.00 13.39 ? 22  DG  B N3    1 
ATOM   445 C C4    . DG  B 1 10 ? 7.560   9.818   2.726   1.00 21.11 ? 22  DG  B C4    1 
ATOM   446 P P     . DC  B 1 11 ? 13.410  7.395   4.264   1.00 34.47 ? 23  DC  B P     1 
ATOM   447 O OP1   . DC  B 1 11 ? 14.622  6.585   4.013   1.00 43.67 ? 23  DC  B OP1   1 
ATOM   448 O OP2   . DC  B 1 11 ? 12.978  7.677   5.655   1.00 42.36 ? 23  DC  B OP2   1 
ATOM   449 O "O5'" . DC  B 1 11 ? 13.521  8.745   3.430   1.00 36.21 ? 23  DC  B "O5'" 1 
ATOM   450 C "C5'" . DC  B 1 11 ? 13.881  8.674   2.058   1.00 26.43 ? 23  DC  B "C5'" 1 
ATOM   451 C "C4'" . DC  B 1 11 ? 13.916  10.051  1.446   1.00 25.05 ? 23  DC  B "C4'" 1 
ATOM   452 O "O4'" . DC  B 1 11 ? 12.574  10.577  1.417   1.00 21.13 ? 23  DC  B "O4'" 1 
ATOM   453 C "C3'" . DC  B 1 11 ? 14.769  11.068  2.195   1.00 23.03 ? 23  DC  B "C3'" 1 
ATOM   454 O "O3'" . DC  B 1 11 ? 15.646  11.763  1.304   1.00 34.11 ? 23  DC  B "O3'" 1 
ATOM   455 C "C2'" . DC  B 1 11 ? 13.760  11.975  2.855   1.00 24.00 ? 23  DC  B "C2'" 1 
ATOM   456 C "C1'" . DC  B 1 11 ? 12.530  11.857  1.982   1.00 19.54 ? 23  DC  B "C1'" 1 
ATOM   457 N N1    . DC  B 1 11 ? 11.317  11.945  2.786   1.00 17.16 ? 23  DC  B N1    1 
ATOM   458 C C2    . DC  B 1 11 ? 10.283  12.782  2.362   1.00 21.01 ? 23  DC  B C2    1 
ATOM   459 O O2    . DC  B 1 11 ? 10.405  13.390  1.278   1.00 25.69 ? 23  DC  B O2    1 
ATOM   460 N N3    . DC  B 1 11 ? 9.174   12.906  3.135   1.00 13.58 ? 23  DC  B N3    1 
ATOM   461 C C4    . DC  B 1 11 ? 9.080   12.222  4.273   1.00 9.51  ? 23  DC  B C4    1 
ATOM   462 N N4    . DC  B 1 11 ? 7.983   12.373  4.989   1.00 10.24 ? 23  DC  B N4    1 
ATOM   463 C C5    . DC  B 1 11 ? 10.113  11.348  4.720   1.00 12.32 ? 23  DC  B C5    1 
ATOM   464 C C6    . DC  B 1 11 ? 11.200  11.239  3.952   1.00 12.50 ? 23  DC  B C6    1 
ATOM   465 P P     . DG  B 1 12 ? 16.662  12.884  1.874   1.00 41.51 ? 24  DG  B P     1 
ATOM   466 O OP1   . DG  B 1 12 ? 17.864  12.910  1.007   1.00 49.45 ? 24  DG  B OP1   1 
ATOM   467 O OP2   . DG  B 1 12 ? 16.820  12.703  3.340   1.00 47.07 ? 24  DG  B OP2   1 
ATOM   468 O "O5'" . DG  B 1 12 ? 15.876  14.250  1.661   1.00 44.53 ? 24  DG  B "O5'" 1 
ATOM   469 C "C5'" . DG  B 1 12 ? 15.555  14.690  0.339   1.00 38.86 ? 24  DG  B "C5'" 1 
ATOM   470 C "C4'" . DG  B 1 12 ? 14.891  16.044  0.383   1.00 37.01 ? 24  DG  B "C4'" 1 
ATOM   471 O "O4'" . DG  B 1 12 ? 13.601  15.902  1.027   1.00 30.89 ? 24  DG  B "O4'" 1 
ATOM   472 C "C3'" . DG  B 1 12 ? 15.670  17.088  1.193   1.00 35.97 ? 24  DG  B "C3'" 1 
ATOM   473 O "O3'" . DG  B 1 12 ? 15.418  18.427  0.714   1.00 42.18 ? 24  DG  B "O3'" 1 
ATOM   474 C "C2'" . DG  B 1 12 ? 15.026  16.981  2.553   1.00 33.06 ? 24  DG  B "C2'" 1 
ATOM   475 C "C1'" . DG  B 1 12 ? 13.575  16.734  2.176   1.00 30.72 ? 24  DG  B "C1'" 1 
ATOM   476 N N9    . DG  B 1 12 ? 12.839  16.051  3.224   1.00 26.91 ? 24  DG  B N9    1 
ATOM   477 C C8    . DG  B 1 12 ? 13.302  15.041  4.036   1.00 26.38 ? 24  DG  B C8    1 
ATOM   478 N N7    . DG  B 1 12 ? 12.426  14.656  4.918   1.00 21.75 ? 24  DG  B N7    1 
ATOM   479 C C5    . DG  B 1 12 ? 11.319  15.447  4.662   1.00 16.06 ? 24  DG  B C5    1 
ATOM   480 C C6    . DG  B 1 12 ? 10.073  15.477  5.291   1.00 18.50 ? 24  DG  B C6    1 
ATOM   481 O O6    . DG  B 1 12 ? 9.682   14.796  6.226   1.00 23.03 ? 24  DG  B O6    1 
ATOM   482 N N1    . DG  B 1 12 ? 9.229   16.428  4.728   1.00 22.45 ? 24  DG  B N1    1 
ATOM   483 C C2    . DG  B 1 12 ? 9.559   17.247  3.684   1.00 21.87 ? 24  DG  B C2    1 
ATOM   484 N N2    . DG  B 1 12 ? 8.605   18.095  3.289   1.00 22.17 ? 24  DG  B N2    1 
ATOM   485 N N3    . DG  B 1 12 ? 10.738  17.230  3.078   1.00 22.82 ? 24  DG  B N3    1 
ATOM   486 C C4    . DG  B 1 12 ? 11.561  16.308  3.618   1.00 20.02 ? 24  DG  B C4    1 
HETATM 487 C C10   . D18 C 2 .  ? 8.171   0.661   -1.295  1.00 25.15 ? 25  D18 B C10   1 
HETATM 488 C C9    . D18 C 2 .  ? 8.230   2.142   0.608   1.00 24.06 ? 25  D18 B C9    1 
HETATM 489 C C8    . D18 C 2 .  ? 7.544   1.921   -0.720  1.00 28.53 ? 25  D18 B C8    1 
HETATM 490 N N2    . D18 C 2 .  ? 6.279   1.577   -0.476  1.00 27.92 ? 25  D18 B N2    1 
HETATM 491 C C7    . D18 C 2 .  ? 5.136   2.261   -0.692  1.00 28.13 ? 25  D18 B C7    1 
HETATM 492 N N1    . D18 C 2 .  ? 5.146   3.525   -1.136  1.00 30.75 ? 25  D18 B N1    1 
HETATM 493 C C1    . D18 C 2 .  ? 1.327   0.487   -0.102  1.00 19.90 ? 25  D18 B C1    1 
HETATM 494 C C2    . D18 C 2 .  ? 1.519   1.499   -1.048  1.00 22.65 ? 25  D18 B C2    1 
HETATM 495 C C3    . D18 C 2 .  ? 2.760   2.102   -1.220  1.00 26.20 ? 25  D18 B C3    1 
HETATM 496 C C4    . D18 C 2 .  ? 3.816   1.656   -0.414  1.00 27.82 ? 25  D18 B C4    1 
HETATM 497 C C5    . D18 C 2 .  ? 3.624   0.616   0.539   1.00 25.65 ? 25  D18 B C5    1 
HETATM 498 C C6    . D18 C 2 .  ? 2.366   0.018   0.699   1.00 21.08 ? 25  D18 B C6    1 
HETATM 499 C CA    . D18 C 2 .  ? 0.000   0.000   0.000   1.00 19.05 ? 25  D18 B CA    1 
HETATM 500 C CB    . D18 C 2 .  ? -0.588  -0.949  0.795   1.00 22.01 ? 25  D18 B CB    1 
HETATM 501 C "CB'" . D18 C 2 .  ? -1.989  -0.976  0.437   1.00 17.19 ? 25  D18 B "CB'" 1 
HETATM 502 C "CA'" . D18 C 2 .  ? -2.155  -0.042  -0.568  1.00 22.31 ? 25  D18 B "CA'" 1 
HETATM 503 O O1    . D18 C 2 .  ? -0.934  0.576   -0.866  1.00 20.17 ? 25  D18 B O1    1 
HETATM 504 C "C1'" . D18 C 2 .  ? -3.336  0.354   -1.305  1.00 23.34 ? 25  D18 B "C1'" 1 
HETATM 505 C "C2'" . D18 C 2 .  ? -3.245  1.323   -2.286  1.00 23.90 ? 25  D18 B "C2'" 1 
HETATM 506 C "C3'" . D18 C 2 .  ? -4.363  1.693   -3.023  1.00 27.05 ? 25  D18 B "C3'" 1 
HETATM 507 C "C4'" . D18 C 2 .  ? -5.560  1.067   -2.739  1.00 30.91 ? 25  D18 B "C4'" 1 
HETATM 508 C "C5'" . D18 C 2 .  ? -5.679  0.089   -1.744  1.00 28.02 ? 25  D18 B "C5'" 1 
HETATM 509 C "C6'" . D18 C 2 .  ? -4.567  -0.264  -1.025  1.00 25.92 ? 25  D18 B "C6'" 1 
HETATM 510 C "C7'" . D18 C 2 .  ? -6.769  1.352   -3.514  1.00 38.76 ? 25  D18 B "C7'" 1 
HETATM 511 N "N1'" . D18 C 2 .  ? -6.714  1.799   -4.786  1.00 40.21 ? 25  D18 B "N1'" 1 
HETATM 512 N "N2'" . D18 C 2 .  ? -7.887  1.148   -2.809  1.00 41.52 ? 25  D18 B "N2'" 1 
HETATM 513 C "C8'" . D18 C 2 .  ? -9.139  1.161   -3.194  1.00 47.06 ? 25  D18 B "C8'" 1 
HETATM 514 C "C9'" . D18 C 2 .  ? -9.504  2.558   -3.674  1.00 46.24 ? 25  D18 B "C9'" 1 
HETATM 515 C CAX   . D18 C 2 .  ? -9.896  0.664   -1.959  1.00 49.38 ? 25  D18 B CAX   1 
HETATM 516 O O     . HOH D 3 .  ? 9.022   9.868   -3.876  1.00 16.83 ? 27  HOH A O     1 
HETATM 517 O O     . HOH D 3 .  ? 4.785   -1.330  -7.783  1.00 24.20 ? 28  HOH A O     1 
HETATM 518 O O     . HOH D 3 .  ? 1.192   -4.401  -6.524  1.00 56.08 ? 29  HOH A O     1 
HETATM 519 O O     . HOH D 3 .  ? 9.170   10.751  -14.607 1.00 28.48 ? 30  HOH A O     1 
HETATM 520 O O     . HOH D 3 .  ? 8.019   17.717  9.647   1.00 33.81 ? 31  HOH A O     1 
HETATM 521 O O     . HOH D 3 .  ? 13.802  3.293   -8.536  1.00 27.06 ? 35  HOH A O     1 
HETATM 522 O O     . HOH D 3 .  ? 0.114   24.475  5.887   1.00 42.49 ? 39  HOH A O     1 
HETATM 523 O O     . HOH D 3 .  ? 0.924   -4.018  1.557   1.00 31.95 ? 42  HOH A O     1 
HETATM 524 O O     . HOH D 3 .  ? 10.917  0.225   -7.119  1.00 35.22 ? 48  HOH A O     1 
HETATM 525 O O     . HOH D 3 .  ? 1.196   15.467  -4.665  1.00 50.32 ? 49  HOH A O     1 
HETATM 526 O O     . HOH D 3 .  ? 2.869   13.882  5.387   1.00 38.42 ? 51  HOH A O     1 
HETATM 527 O O     . HOH D 3 .  ? 6.008   11.992  7.866   1.00 37.14 ? 53  HOH A O     1 
HETATM 528 O O     . HOH D 3 .  ? 7.055   0.361   -9.313  1.00 21.73 ? 55  HOH A O     1 
HETATM 529 O O     . HOH D 3 .  ? -2.480  20.654  5.033   1.00 41.64 ? 59  HOH A O     1 
HETATM 530 O O     . HOH D 3 .  ? 3.083   14.923  -15.125 1.00 46.00 ? 60  HOH A O     1 
HETATM 531 O O     . HOH D 3 .  ? 9.856   7.072   -11.257 1.00 47.92 ? 62  HOH A O     1 
HETATM 532 O O     . HOH D 3 .  ? -0.813  -6.949  -0.428  1.00 42.94 ? 63  HOH A O     1 
HETATM 533 O O     . HOH D 3 .  ? 6.600   10.205  -13.123 1.00 55.17 ? 64  HOH A O     1 
HETATM 534 O O     . HOH D 3 .  ? 5.581   19.246  9.046   1.00 35.78 ? 69  HOH A O     1 
HETATM 535 O O     . HOH D 3 .  ? 3.343   -4.482  0.240   1.00 47.90 ? 73  HOH A O     1 
HETATM 536 O O     . HOH D 3 .  ? 2.161   24.459  4.296   1.00 44.86 ? 76  HOH A O     1 
HETATM 537 O O     . HOH D 3 .  ? 6.610   15.535  11.167  1.00 48.57 ? 78  HOH A O     1 
HETATM 538 O O     . HOH D 3 .  ? 0.871   -0.011  -10.832 1.00 31.86 ? 79  HOH A O     1 
HETATM 539 O O     . HOH D 3 .  ? 7.227   19.754  -7.003  1.00 46.39 ? 81  HOH A O     1 
HETATM 540 O O     . HOH D 3 .  ? 8.930   23.078  -14.670 1.00 62.99 ? 82  HOH A O     1 
HETATM 541 O O     . HOH D 3 .  ? 12.167  5.787   -4.722  1.00 43.72 ? 85  HOH A O     1 
HETATM 542 O O     . HOH D 3 .  ? 6.548   13.566  -12.082 1.00 40.00 ? 86  HOH A O     1 
HETATM 543 O O     . HOH D 3 .  ? -14.994 -4.635  -2.969  1.00 52.13 ? 88  HOH A O     1 
HETATM 544 O O     . HOH D 3 .  ? 11.206  13.167  -7.419  1.00 39.26 ? 89  HOH A O     1 
HETATM 545 O O     . HOH D 3 .  ? -6.597  -2.732  0.346   1.00 37.19 ? 93  HOH A O     1 
HETATM 546 O O     . HOH D 3 .  ? -0.867  13.320  -3.492  1.00 69.36 ? 95  HOH A O     1 
HETATM 547 O O     . HOH D 3 .  ? -15.215 -1.425  -4.179  1.00 44.81 ? 100 HOH A O     1 
HETATM 548 O O     . HOH D 3 .  ? -12.335 2.174   -8.160  1.00 28.57 ? 104 HOH A O     1 
HETATM 549 O O     . HOH D 3 .  ? -10.427 -5.113  -0.814  1.00 53.28 ? 105 HOH A O     1 
HETATM 550 O O     . HOH D 3 .  ? 4.380   21.252  -6.163  1.00 47.05 ? 106 HOH A O     1 
HETATM 551 O O     . HOH E 3 .  ? 2.395   11.447  6.808   1.00 18.55 ? 26  HOH B O     1 
HETATM 552 O O     . HOH E 3 .  ? -13.005 9.836   -10.600 1.00 48.81 ? 32  HOH B O     1 
HETATM 553 O O     . HOH E 3 .  ? -10.959 11.071  -12.498 1.00 41.97 ? 33  HOH B O     1 
HETATM 554 O O     . HOH E 3 .  ? 17.451  12.259  5.672   1.00 42.29 ? 34  HOH B O     1 
HETATM 555 O O     . HOH E 3 .  ? -1.084  -4.104  -22.735 1.00 21.60 ? 36  HOH B O     1 
HETATM 556 O O     . HOH E 3 .  ? -12.620 6.979   -7.119  1.00 39.69 ? 37  HOH B O     1 
HETATM 557 O O     . HOH E 3 .  ? -5.293  8.313   2.101   1.00 34.89 ? 38  HOH B O     1 
HETATM 558 O O     . HOH E 3 .  ? -3.384  -7.420  -14.753 1.00 28.82 ? 40  HOH B O     1 
HETATM 559 O O     . HOH E 3 .  ? -5.289  -8.129  -13.000 1.00 30.59 ? 41  HOH B O     1 
HETATM 560 O O     . HOH E 3 .  ? 10.496  9.267   0.579   1.00 40.18 ? 43  HOH B O     1 
HETATM 561 O O     . HOH E 3 .  ? 4.071   8.945   5.819   1.00 29.19 ? 44  HOH B O     1 
HETATM 562 O O     . HOH E 3 .  ? 17.500  5.238   2.756   1.00 69.41 ? 45  HOH B O     1 
HETATM 563 O O     . HOH E 3 .  ? 8.571   6.549   -0.451  1.00 24.11 ? 46  HOH B O     1 
HETATM 564 O O     . HOH E 3 .  ? 6.714   -0.306  2.881   1.00 27.02 ? 47  HOH B O     1 
HETATM 565 O O     . HOH E 3 .  ? -3.554  0.212   4.587   1.00 52.65 ? 50  HOH B O     1 
HETATM 566 O O     . HOH E 3 .  ? 17.596  9.246   -0.049  1.00 46.09 ? 52  HOH B O     1 
HETATM 567 O O     . HOH E 3 .  ? 2.093   11.706  4.329   1.00 28.14 ? 54  HOH B O     1 
HETATM 568 O O     . HOH E 3 .  ? -0.265  -0.026  -23.353 1.00 43.52 ? 56  HOH B O     1 
HETATM 569 O O     . HOH E 3 .  ? 5.655   -1.235  0.571   1.00 42.61 ? 57  HOH B O     1 
HETATM 570 O O     . HOH E 3 .  ? -0.118  -4.024  -12.395 1.00 31.07 ? 58  HOH B O     1 
HETATM 571 O O     . HOH E 3 .  ? 1.538   -1.385  -21.844 1.00 46.75 ? 61  HOH B O     1 
HETATM 572 O O     . HOH E 3 .  ? 3.468   -1.666  6.245   1.00 52.00 ? 65  HOH B O     1 
HETATM 573 O O     . HOH E 3 .  ? 11.697  2.533   5.815   1.00 49.12 ? 66  HOH B O     1 
HETATM 574 O O     . HOH E 3 .  ? 3.515   5.247   8.701   1.00 36.05 ? 67  HOH B O     1 
HETATM 575 O O     . HOH E 3 .  ? 2.614   -3.930  -22.114 1.00 44.23 ? 68  HOH B O     1 
HETATM 576 O O     . HOH E 3 .  ? 2.091   6.842   5.273   1.00 53.04 ? 70  HOH B O     1 
HETATM 577 O O     . HOH E 3 .  ? 6.849   4.990   -2.343  1.00 28.95 ? 71  HOH B O     1 
HETATM 578 O O     . HOH E 3 .  ? -8.265  2.704   -6.996  1.00 18.06 ? 72  HOH B O     1 
HETATM 579 O O     . HOH E 3 .  ? 2.881   -0.550  -24.827 1.00 36.19 ? 74  HOH B O     1 
HETATM 580 O O     . HOH E 3 .  ? 12.491  5.620   8.126   1.00 69.41 ? 75  HOH B O     1 
HETATM 581 O O     . HOH E 3 .  ? 0.580   -6.900  -19.742 1.00 54.37 ? 77  HOH B O     1 
HETATM 582 O O     . HOH E 3 .  ? -0.703  1.038   -18.617 1.00 32.35 ? 80  HOH B O     1 
HETATM 583 O O     . HOH E 3 .  ? 1.934   -0.362  4.385   1.00 40.52 ? 83  HOH B O     1 
HETATM 584 O O     . HOH E 3 .  ? 14.718  12.365  5.488   1.00 50.65 ? 84  HOH B O     1 
HETATM 585 O O     . HOH E 3 .  ? 8.610   8.010   8.871   1.00 63.94 ? 87  HOH B O     1 
HETATM 586 O O     . HOH E 3 .  ? 6.655   6.656   7.440   1.00 45.19 ? 90  HOH B O     1 
HETATM 587 O O     . HOH E 3 .  ? 17.496  9.064   3.274   1.00 42.96 ? 91  HOH B O     1 
HETATM 588 O O     . HOH E 3 .  ? -7.542  3.590   4.171   1.00 43.15 ? 92  HOH B O     1 
HETATM 589 O O     . HOH E 3 .  ? 11.449  1.678   2.597   1.00 54.61 ? 94  HOH B O     1 
HETATM 590 O O     . HOH E 3 .  ? 6.546   -3.792  1.149   1.00 66.78 ? 96  HOH B O     1 
HETATM 591 O O     . HOH E 3 .  ? -2.131  6.185   -11.756 1.00 37.15 ? 97  HOH B O     1 
HETATM 592 O O     . HOH E 3 .  ? -0.183  9.068   13.357  1.00 51.66 ? 98  HOH B O     1 
HETATM 593 O O     . HOH E 3 .  ? -7.207  1.409   0.575   1.00 39.34 ? 99  HOH B O     1 
HETATM 594 O O     . HOH E 3 .  ? -0.512  -1.545  -16.448 1.00 46.31 ? 101 HOH B O     1 
HETATM 595 O O     . HOH E 3 .  ? -0.691  3.065   -12.061 1.00 40.06 ? 102 HOH B O     1 
HETATM 596 O O     . HOH E 3 .  ? -2.011  -5.223  -13.664 1.00 28.09 ? 103 HOH B O     1 
# 
